data_5JAJ
#
_entry.id   5JAJ
#
_cell.length_a   69.590
_cell.length_b   97.050
_cell.length_c   122.520
_cell.angle_alpha   90.00
_cell.angle_beta   90.00
_cell.angle_gamma   90.00
#
_symmetry.space_group_name_H-M   'P 21 21 21'
#
loop_
_entity.id
_entity.type
_entity.pdbx_description
1 polymer LGP2
2 polymer "RNA (5'-R(P*GP*GP*UP*AP*CP*GP*UP*AP*CP*CP*C)-3')"
3 polymer "RNA (5'-R(P*GP*GP*UP*AP*CP*GP*UP*AP*CP*C)-3')"
4 non-polymer 'ZINC ION'
5 non-polymer "ADENOSINE-5'-DIPHOSPHATE"
6 non-polymer 'TETRAFLUOROALUMINATE ION'
7 non-polymer 'MAGNESIUM ION'
8 non-polymer 1,2-ETHANEDIOL
9 non-polymer TRIFLUOROMAGNESATE
10 water water
#
loop_
_entity_poly.entity_id
_entity_poly.type
_entity_poly.pdbx_seq_one_letter_code
_entity_poly.pdbx_strand_id
1 'polypeptide(L)'
;GAMGGGGSELHGYQLEAVAPALRGRNSIVWLPTGAGKTRAAVHVCRRHLEGRRGGRVAVLVNKVHLVQQHLEKEFHVLRD
AFKVTAVSGDSSHKCFFGQLAKGSDVVICTAQILQNALLSGEEEARVELTDFSLLVIDECHHTQKEAVYNKIMLSYLQKK
LSGQRDLPQILGLTASPGTGGETSFEGAVEHILQICANLDTEVIASAQEHAQHLQSHVPQPTKQYDLCQEREQDPFGQRL
KKIMAQIQEHMEMPELPQNFGTQVYEQRIVELENRAAERFCRKTRVCALHLRRYNDALLINDTVRMMDAFQCLQQFYADK
RDTKDPTERFLATTFEENRATLQALAGDQRYENPRLSKLEEILQEHFQPPGSSRGIVFTKTRQSAHSLLSWLQDTAGLCG
QHIRAAVLTGSGHSNQAKGMTQNEQQDVITLFRYGELNLLFSTSVAEEGLDIPECNIVVRYGLMTNEIAMVQAQGRARAQ
NSMYSVLAKANSREVYREQLNESLVGLMERAIRAVQAMPERKYRLKIVELQRNAVLSWQVKEARSSERRQLHDPDDVYFH
CVNCNVAVCRGSDIRTVEAMHHVNINPNFRFYYTVSSGKIHFERTFRDWEPGCRIVCSECRQEWGMEMIYRNVTLPILSI
KNFVVVTPDEKKKYKKWSTVTFPIEEFSYLEYCSSTQDESL
;
A
2 'polyribonucleotide' GGUACGUACCC X
3 'polyribonucleotide' GGUACGUACC Y
#
loop_
_chem_comp.id
_chem_comp.type
_chem_comp.name
_chem_comp.formula
A RNA linking ADENOSINE-5'-MONOPHOSPHATE 'C10 H14 N5 O7 P'
ADP non-polymer ADENOSINE-5'-DIPHOSPHATE 'C10 H15 N5 O10 P2'
ALF non-polymer 'TETRAFLUOROALUMINATE ION' 'Al F4 -1'
C RNA linking CYTIDINE-5'-MONOPHOSPHATE 'C9 H14 N3 O8 P'
EDO non-polymer 1,2-ETHANEDIOL 'C2 H6 O2'
G RNA linking GUANOSINE-5'-MONOPHOSPHATE 'C10 H14 N5 O8 P'
MG non-polymer 'MAGNESIUM ION' 'Mg 2'
MGF non-polymer TRIFLUOROMAGNESATE 'F3 Mg -1'
U RNA linking URIDINE-5'-MONOPHOSPHATE 'C9 H13 N2 O9 P'
ZN non-polymer 'ZINC ION' 'Zn 2'
#
# COMPACT_ATOMS: atom_id res chain seq x y z
N GLU A 9 -23.83 -9.26 27.20
CA GLU A 9 -23.31 -9.16 25.77
C GLU A 9 -21.80 -8.93 25.75
N LEU A 10 -21.34 -7.69 26.05
CA LEU A 10 -19.91 -7.40 26.16
C LEU A 10 -19.28 -8.29 27.22
N HIS A 11 -18.12 -8.82 26.89
CA HIS A 11 -17.32 -9.58 27.83
C HIS A 11 -16.74 -8.66 28.88
N GLY A 12 -16.39 -9.24 30.02
CA GLY A 12 -15.80 -8.47 31.09
C GLY A 12 -14.59 -7.70 30.63
N TYR A 13 -13.74 -8.35 29.83
CA TYR A 13 -12.54 -7.67 29.37
C TYR A 13 -12.81 -6.51 28.41
N GLN A 14 -13.92 -6.56 27.65
CA GLN A 14 -14.30 -5.42 26.82
C GLN A 14 -14.72 -4.22 27.67
N LEU A 15 -15.54 -4.49 28.68
CA LEU A 15 -15.94 -3.45 29.63
C LEU A 15 -14.76 -2.81 30.34
N GLU A 16 -13.81 -3.65 30.78
CA GLU A 16 -12.63 -3.16 31.47
C GLU A 16 -11.80 -2.28 30.52
N ALA A 17 -11.67 -2.70 29.28
CA ALA A 17 -10.81 -2.01 28.35
C ALA A 17 -11.35 -0.64 27.94
N VAL A 18 -12.67 -0.45 27.97
CA VAL A 18 -13.26 0.80 27.61
C VAL A 18 -13.63 1.73 28.75
N ALA A 19 -13.35 1.33 29.98
CA ALA A 19 -13.69 2.16 31.14
C ALA A 19 -13.05 3.56 31.03
N PRO A 20 -11.76 3.68 30.61
CA PRO A 20 -11.22 5.05 30.47
C PRO A 20 -11.91 5.86 29.37
N ALA A 21 -12.18 5.24 28.24
CA ALA A 21 -12.87 5.93 27.17
C ALA A 21 -14.26 6.40 27.57
N LEU A 22 -14.96 5.58 28.37
CA LEU A 22 -16.27 5.95 28.86
C LEU A 22 -16.21 7.19 29.78
N ARG A 23 -15.09 7.38 30.48
CA ARG A 23 -14.85 8.54 31.31
C ARG A 23 -14.35 9.74 30.53
N GLY A 24 -14.15 9.60 29.20
CA GLY A 24 -13.73 10.70 28.35
C GLY A 24 -12.23 10.80 28.12
N ARG A 25 -11.45 9.84 28.60
CA ARG A 25 -9.99 9.89 28.49
C ARG A 25 -9.58 9.42 27.10
N ASN A 26 -8.59 10.10 26.50
CA ASN A 26 -7.99 9.58 25.29
C ASN A 26 -7.32 8.27 25.62
N SER A 27 -7.54 7.23 24.80
CA SER A 27 -7.00 5.94 25.11
C SER A 27 -6.63 5.16 23.88
N ILE A 28 -5.82 4.15 24.12
CA ILE A 28 -5.63 3.06 23.18
C ILE A 28 -6.19 1.81 23.86
N VAL A 29 -7.10 1.12 23.16
CA VAL A 29 -7.60 -0.16 23.59
C VAL A 29 -6.72 -1.22 22.98
N TRP A 30 -5.94 -1.89 23.82
CA TRP A 30 -5.02 -2.92 23.40
C TRP A 30 -5.62 -4.27 23.80
N LEU A 31 -6.19 -4.96 22.82
CA LEU A 31 -6.77 -6.30 23.02
C LEU A 31 -6.35 -7.17 21.83
N PRO A 32 -6.25 -8.48 22.06
CA PRO A 32 -5.75 -9.39 21.02
C PRO A 32 -6.58 -9.37 19.75
N THR A 33 -5.96 -9.88 18.70
CA THR A 33 -6.70 -10.06 17.46
C THR A 33 -7.96 -10.89 17.70
N GLY A 34 -9.08 -10.42 17.16
CA GLY A 34 -10.30 -11.16 17.29
C GLY A 34 -11.01 -11.03 18.61
N ALA A 35 -10.52 -10.18 19.51
CA ALA A 35 -11.09 -10.09 20.85
C ALA A 35 -12.36 -9.26 20.90
N GLY A 36 -12.66 -8.52 19.83
CA GLY A 36 -13.88 -7.70 19.77
C GLY A 36 -13.66 -6.24 20.14
N LYS A 37 -12.55 -5.67 19.68
CA LYS A 37 -12.34 -4.25 19.87
C LYS A 37 -13.44 -3.43 19.19
N THR A 38 -13.96 -3.89 18.03
CA THR A 38 -14.94 -3.09 17.32
C THR A 38 -16.25 -2.90 18.13
N ARG A 39 -16.77 -3.98 18.67
CA ARG A 39 -17.96 -3.91 19.49
C ARG A 39 -17.74 -3.05 20.71
N ALA A 40 -16.57 -3.17 21.33
CA ALA A 40 -16.25 -2.31 22.46
C ALA A 40 -16.32 -0.83 22.05
N ALA A 41 -15.78 -0.51 20.87
CA ALA A 41 -15.81 0.86 20.37
C ALA A 41 -17.24 1.32 20.07
N VAL A 42 -18.08 0.42 19.58
CA VAL A 42 -19.48 0.79 19.33
C VAL A 42 -20.15 1.19 20.64
N HIS A 43 -19.89 0.46 21.71
CA HIS A 43 -20.45 0.78 23.04
C HIS A 43 -19.97 2.16 23.52
N VAL A 44 -18.70 2.43 23.34
CA VAL A 44 -18.17 3.77 23.66
C VAL A 44 -18.92 4.84 22.86
N CYS A 45 -19.11 4.58 21.56
CA CYS A 45 -19.83 5.53 20.69
C CYS A 45 -21.26 5.76 21.15
N ARG A 46 -21.95 4.68 21.49
CA ARG A 46 -23.31 4.82 21.96
C ARG A 46 -23.35 5.70 23.23
N ARG A 47 -22.50 5.38 24.21
CA ARG A 47 -22.52 6.15 25.46
C ARG A 47 -22.06 7.58 25.26
N HIS A 48 -21.13 7.80 24.33
CA HIS A 48 -20.67 9.13 24.00
C HIS A 48 -21.79 9.99 23.44
N LEU A 49 -22.51 9.45 22.47
CA LEU A 49 -23.61 10.20 21.83
C LEU A 49 -24.82 10.40 22.76
N GLU A 50 -25.11 9.43 23.62
CA GLU A 50 -26.16 9.57 24.62
C GLU A 50 -25.83 10.62 25.73
N GLY A 51 -24.49 10.72 25.97
CA GLY A 51 -24.04 11.52 27.10
C GLY A 51 -23.93 13.01 26.83
N ARG A 52 -24.27 13.43 25.63
CA ARG A 52 -24.28 14.85 25.31
C ARG A 52 -25.17 15.08 24.11
N ARG A 53 -25.45 16.35 23.84
CA ARG A 53 -26.15 16.77 22.64
C ARG A 53 -25.12 17.26 21.66
N GLY A 54 -25.36 16.98 20.37
CA GLY A 54 -24.57 17.54 19.29
C GLY A 54 -23.25 16.81 18.98
N GLY A 55 -23.06 15.64 19.56
CA GLY A 55 -21.85 14.88 19.36
C GLY A 55 -21.76 14.36 17.94
N ARG A 56 -20.54 14.08 17.52
CA ARG A 56 -20.33 13.50 16.20
C ARG A 56 -19.05 12.67 16.21
N VAL A 57 -19.16 11.44 15.72
CA VAL A 57 -18.08 10.47 15.74
C VAL A 57 -17.55 10.27 14.32
N ALA A 58 -16.23 10.23 14.16
CA ALA A 58 -15.63 9.71 12.94
C ALA A 58 -14.89 8.41 13.27
N VAL A 59 -15.13 7.39 12.46
CA VAL A 59 -14.51 6.06 12.62
C VAL A 59 -13.63 5.89 11.41
N LEU A 60 -12.31 5.84 11.62
CA LEU A 60 -11.32 5.76 10.56
C LEU A 60 -10.77 4.35 10.45
N VAL A 61 -10.66 3.88 9.21
CA VAL A 61 -10.09 2.58 8.91
C VAL A 61 -9.01 2.75 7.86
N ASN A 62 -8.23 1.70 7.65
CA ASN A 62 -7.08 1.74 6.76
C ASN A 62 -7.23 0.93 5.48
N LYS A 63 -8.34 0.23 5.29
N LYS A 63 -8.30 0.15 5.36
CA LYS A 63 -8.57 -0.56 4.09
CA LYS A 63 -8.52 -0.70 4.22
C LYS A 63 -10.01 -0.35 3.64
C LYS A 63 -9.96 -0.48 3.86
N VAL A 64 -10.24 -0.31 2.34
N VAL A 64 -10.22 -0.37 2.55
CA VAL A 64 -11.59 -0.07 1.84
CA VAL A 64 -11.57 -0.03 2.08
C VAL A 64 -12.60 -1.06 2.40
C VAL A 64 -12.61 -1.06 2.45
N HIS A 65 -12.24 -2.33 2.44
CA HIS A 65 -13.20 -3.38 2.81
C HIS A 65 -13.71 -3.25 4.24
N LEU A 66 -12.92 -2.60 5.08
CA LEU A 66 -13.29 -2.48 6.48
C LEU A 66 -14.40 -1.48 6.73
N VAL A 67 -14.64 -0.55 5.80
CA VAL A 67 -15.78 0.35 5.94
C VAL A 67 -17.10 -0.42 5.99
N GLN A 68 -17.35 -1.26 4.97
CA GLN A 68 -18.57 -2.03 4.96
C GLN A 68 -18.57 -3.05 6.07
N GLN A 69 -17.44 -3.68 6.35
CA GLN A 69 -17.46 -4.70 7.40
C GLN A 69 -17.88 -4.09 8.74
N HIS A 70 -17.23 -2.99 9.12
CA HIS A 70 -17.54 -2.39 10.42
C HIS A 70 -18.97 -1.89 10.45
N LEU A 71 -19.46 -1.35 9.35
CA LEU A 71 -20.84 -0.89 9.33
C LEU A 71 -21.80 -2.06 9.51
N GLU A 72 -21.68 -3.06 8.65
CA GLU A 72 -22.68 -4.10 8.61
C GLU A 72 -22.60 -5.08 9.77
N LYS A 73 -21.42 -5.28 10.33
CA LYS A 73 -21.25 -6.26 11.41
C LYS A 73 -21.35 -5.64 12.81
N GLU A 74 -21.10 -4.35 12.93
CA GLU A 74 -21.02 -3.70 14.24
C GLU A 74 -21.78 -2.39 14.39
N PHE A 75 -21.42 -1.36 13.63
CA PHE A 75 -21.92 -0.01 13.87
C PHE A 75 -23.36 0.20 13.48
N HIS A 76 -23.91 -0.65 12.62
CA HIS A 76 -25.30 -0.48 12.19
C HIS A 76 -26.28 -0.52 13.36
N VAL A 77 -25.91 -1.17 14.48
CA VAL A 77 -26.80 -1.26 15.65
C VAL A 77 -27.15 0.10 16.27
N LEU A 78 -26.29 1.08 16.00
CA LEU A 78 -26.53 2.45 16.45
C LEU A 78 -27.68 3.15 15.74
N ARG A 79 -28.15 2.59 14.63
CA ARG A 79 -29.20 3.21 13.84
C ARG A 79 -30.61 3.13 14.48
N ASP A 80 -30.72 2.44 15.61
CA ASP A 80 -31.95 2.51 16.42
C ASP A 80 -32.22 3.95 17.01
N ALA A 81 -31.05 4.66 17.17
CA ALA A 81 -31.16 6.05 17.67
C ALA A 81 -30.42 7.13 16.89
N PHE A 82 -29.46 6.74 16.04
CA PHE A 82 -28.50 7.68 15.46
C PHE A 82 -28.34 7.43 13.98
N LYS A 83 -27.86 8.45 13.25
CA LYS A 83 -27.56 8.34 11.83
C LYS A 83 -26.13 7.96 11.63
N VAL A 84 -25.93 6.84 10.93
CA VAL A 84 -24.60 6.28 10.71
C VAL A 84 -24.41 6.25 9.19
N THR A 85 -23.32 6.86 8.73
N THR A 85 -23.35 6.91 8.71
CA THR A 85 -23.02 6.93 7.31
CA THR A 85 -23.03 6.93 7.27
C THR A 85 -21.62 6.37 7.04
C THR A 85 -21.62 6.41 7.02
N ALA A 86 -21.47 5.66 5.93
CA ALA A 86 -20.19 5.07 5.49
C ALA A 86 -19.80 5.67 4.14
N VAL A 87 -18.50 5.95 3.96
CA VAL A 87 -17.90 6.49 2.70
C VAL A 87 -16.53 5.86 2.43
N SER A 88 -16.33 5.38 1.20
CA SER A 88 -14.98 5.02 0.72
C SER A 88 -14.64 5.73 -0.59
N GLY A 89 -13.39 5.53 -1.01
CA GLY A 89 -13.00 6.00 -2.36
C GLY A 89 -14.01 5.67 -3.45
N ASP A 90 -14.46 4.41 -3.50
CA ASP A 90 -15.42 4.05 -4.59
C ASP A 90 -16.73 4.88 -4.55
N SER A 91 -17.22 5.20 -3.37
CA SER A 91 -18.49 5.96 -3.27
C SER A 91 -18.29 7.48 -3.21
N SER A 92 -17.02 7.92 -3.15
CA SER A 92 -16.67 9.32 -2.89
C SER A 92 -17.35 10.36 -3.79
N HIS A 93 -17.48 10.04 -5.07
CA HIS A 93 -17.83 11.06 -6.09
C HIS A 93 -19.25 11.65 -5.96
N LYS A 94 -20.13 11.01 -5.19
CA LYS A 94 -21.55 11.33 -5.17
C LYS A 94 -21.87 12.52 -4.29
N CYS A 95 -21.37 12.50 -3.06
CA CYS A 95 -21.71 13.54 -2.09
C CYS A 95 -20.47 14.34 -1.68
N PHE A 96 -20.66 15.59 -1.28
CA PHE A 96 -19.61 16.34 -0.61
C PHE A 96 -19.46 15.78 0.80
N PHE A 97 -18.22 15.46 1.20
CA PHE A 97 -17.97 14.83 2.49
C PHE A 97 -18.48 15.67 3.65
N GLY A 98 -18.22 16.98 3.62
CA GLY A 98 -18.58 17.83 4.73
C GLY A 98 -20.08 17.80 4.98
N GLN A 99 -20.85 17.84 3.89
CA GLN A 99 -22.31 17.72 3.96
C GLN A 99 -22.74 16.39 4.58
N LEU A 100 -22.16 15.30 4.07
CA LEU A 100 -22.51 13.98 4.52
C LEU A 100 -22.18 13.80 6.02
N ALA A 101 -20.99 14.24 6.39
CA ALA A 101 -20.54 14.10 7.78
C ALA A 101 -21.39 14.91 8.75
N LYS A 102 -21.61 16.18 8.39
CA LYS A 102 -22.31 17.09 9.27
C LYS A 102 -23.77 16.67 9.46
N GLY A 103 -24.34 15.96 8.49
CA GLY A 103 -25.67 15.39 8.60
C GLY A 103 -25.74 14.06 9.35
N SER A 104 -24.61 13.53 9.82
CA SER A 104 -24.54 12.21 10.48
C SER A 104 -24.14 12.37 11.94
N ASP A 105 -24.47 11.38 12.75
CA ASP A 105 -23.94 11.25 14.11
C ASP A 105 -22.66 10.44 14.12
N VAL A 106 -22.54 9.49 13.20
CA VAL A 106 -21.34 8.67 13.04
C VAL A 106 -21.02 8.58 11.54
N VAL A 107 -19.77 8.82 11.20
N VAL A 107 -19.76 8.84 11.20
CA VAL A 107 -19.28 8.62 9.82
CA VAL A 107 -19.25 8.64 9.84
C VAL A 107 -18.13 7.62 9.85
C VAL A 107 -18.13 7.61 9.88
N ILE A 108 -18.15 6.65 8.96
CA ILE A 108 -17.12 5.60 8.90
C ILE A 108 -16.46 5.77 7.54
N CYS A 109 -15.13 5.90 7.53
CA CYS A 109 -14.43 6.10 6.25
C CYS A 109 -12.99 5.66 6.35
N THR A 110 -12.37 5.46 5.19
CA THR A 110 -10.93 5.36 5.17
C THR A 110 -10.33 6.69 5.58
N ALA A 111 -9.15 6.66 6.21
CA ALA A 111 -8.59 7.88 6.75
C ALA A 111 -8.31 8.94 5.71
N GLN A 112 -7.93 8.55 4.48
CA GLN A 112 -7.57 9.56 3.50
C GLN A 112 -8.81 10.34 3.04
N ILE A 113 -10.00 9.71 3.13
CA ILE A 113 -11.26 10.46 2.85
C ILE A 113 -11.40 11.63 3.83
N LEU A 114 -11.16 11.36 5.11
CA LEU A 114 -11.20 12.45 6.09
C LEU A 114 -10.11 13.50 5.83
N GLN A 115 -8.89 13.01 5.61
N GLN A 115 -8.90 13.02 5.60
CA GLN A 115 -7.78 13.90 5.34
CA GLN A 115 -7.79 13.93 5.37
C GLN A 115 -8.10 14.82 4.17
C GLN A 115 -7.99 14.80 4.12
N ASN A 116 -8.64 14.28 3.09
CA ASN A 116 -8.97 15.12 1.92
C ASN A 116 -9.95 16.24 2.33
N ALA A 117 -10.94 15.91 3.17
CA ALA A 117 -11.90 16.89 3.64
C ALA A 117 -11.24 17.92 4.54
N LEU A 118 -10.32 17.48 5.39
CA LEU A 118 -9.61 18.41 6.26
C LEU A 118 -8.79 19.42 5.49
N LEU A 119 -8.30 19.03 4.30
CA LEU A 119 -7.46 19.88 3.49
C LEU A 119 -8.23 20.68 2.40
N SER A 120 -9.51 20.41 2.25
CA SER A 120 -10.25 20.95 1.13
C SER A 120 -10.38 22.46 1.20
N GLY A 121 -10.35 23.08 0.02
CA GLY A 121 -10.70 24.50 -0.14
C GLY A 121 -12.18 24.76 -0.40
N GLU A 122 -12.97 23.71 -0.63
CA GLU A 122 -14.37 23.87 -1.01
C GLU A 122 -15.22 23.80 0.21
N GLU A 123 -16.06 24.81 0.41
CA GLU A 123 -16.88 24.96 1.62
C GLU A 123 -17.73 23.74 1.91
N GLU A 124 -18.30 23.14 0.87
CA GLU A 124 -19.19 22.00 1.06
C GLU A 124 -18.43 20.71 1.34
N ALA A 125 -17.18 20.61 0.89
CA ALA A 125 -16.36 19.39 1.08
C ALA A 125 -15.60 19.34 2.40
N ARG A 126 -15.32 20.52 2.95
CA ARG A 126 -14.41 20.72 4.06
C ARG A 126 -15.00 20.37 5.41
N VAL A 127 -14.15 19.82 6.27
N VAL A 127 -14.20 19.74 6.27
CA VAL A 127 -14.50 19.59 7.67
CA VAL A 127 -14.55 19.68 7.71
C VAL A 127 -13.31 20.00 8.53
C VAL A 127 -13.35 20.13 8.50
N GLU A 128 -13.54 20.26 9.81
CA GLU A 128 -12.48 20.55 10.75
C GLU A 128 -12.49 19.45 11.80
N LEU A 129 -11.36 19.22 12.46
CA LEU A 129 -11.33 18.26 13.56
C LEU A 129 -12.38 18.58 14.64
N THR A 130 -12.63 19.86 14.87
CA THR A 130 -13.60 20.27 15.85
C THR A 130 -15.05 19.99 15.46
N ASP A 131 -15.29 19.54 14.24
CA ASP A 131 -16.61 19.03 13.87
C ASP A 131 -16.89 17.65 14.44
N PHE A 132 -15.92 17.01 15.08
CA PHE A 132 -16.08 15.70 15.71
C PHE A 132 -15.78 15.82 17.20
N SER A 133 -16.52 15.06 17.99
CA SER A 133 -16.32 14.96 19.42
C SER A 133 -15.59 13.68 19.83
N LEU A 134 -15.51 12.72 18.90
CA LEU A 134 -14.82 11.44 19.14
C LEU A 134 -14.27 10.98 17.81
N LEU A 135 -12.99 10.61 17.78
N LEU A 135 -13.02 10.54 17.83
CA LEU A 135 -12.38 9.94 16.64
CA LEU A 135 -12.36 9.99 16.67
C LEU A 135 -12.00 8.55 17.10
C LEU A 135 -11.95 8.56 17.08
N VAL A 136 -12.48 7.55 16.40
CA VAL A 136 -12.13 6.16 16.63
C VAL A 136 -11.17 5.81 15.51
N ILE A 137 -9.95 5.38 15.86
CA ILE A 137 -8.92 5.09 14.88
C ILE A 137 -8.63 3.61 14.96
N ASP A 138 -9.13 2.87 13.99
CA ASP A 138 -8.96 1.41 13.96
C ASP A 138 -7.55 1.08 13.48
N GLU A 139 -6.98 -0.01 13.97
CA GLU A 139 -5.62 -0.40 13.59
C GLU A 139 -4.66 0.77 13.84
N CYS A 140 -4.72 1.31 15.06
CA CYS A 140 -4.10 2.60 15.35
C CYS A 140 -2.58 2.59 15.42
N HIS A 141 -1.99 1.42 15.37
CA HIS A 141 -0.54 1.28 15.24
C HIS A 141 0.01 1.93 13.99
N HIS A 142 -0.84 2.18 12.98
CA HIS A 142 -0.38 2.90 11.81
C HIS A 142 -0.22 4.40 12.02
N THR A 143 -0.51 4.88 13.22
CA THR A 143 -0.39 6.33 13.53
C THR A 143 1.06 6.63 13.85
N GLN A 144 1.88 6.66 12.79
N GLN A 144 1.89 6.64 12.81
CA GLN A 144 3.32 6.81 12.87
CA GLN A 144 3.29 6.95 12.94
C GLN A 144 3.82 7.42 11.59
C GLN A 144 3.84 7.39 11.60
N LYS A 145 4.99 8.04 11.67
CA LYS A 145 5.71 8.47 10.47
C LYS A 145 4.83 9.43 9.67
N GLU A 146 4.79 9.26 8.36
CA GLU A 146 3.97 10.12 7.50
C GLU A 146 2.72 9.42 6.98
N ALA A 147 2.33 8.33 7.63
CA ALA A 147 1.06 7.69 7.29
C ALA A 147 -0.08 8.66 7.53
N VAL A 148 -1.15 8.50 6.73
N VAL A 148 -1.16 8.52 6.77
CA VAL A 148 -2.33 9.39 6.84
CA VAL A 148 -2.24 9.50 6.87
C VAL A 148 -2.82 9.56 8.29
C VAL A 148 -2.87 9.56 8.29
N TYR A 149 -2.95 8.44 9.03
CA TYR A 149 -3.39 8.54 10.43
C TYR A 149 -2.52 9.56 11.18
N ASN A 150 -1.23 9.52 10.96
CA ASN A 150 -0.34 10.45 11.66
C ASN A 150 -0.38 11.84 11.12
N LYS A 151 -0.69 11.99 9.82
CA LYS A 151 -0.88 13.36 9.31
C LYS A 151 -2.08 14.04 10.01
N ILE A 152 -3.14 13.29 10.17
CA ILE A 152 -4.36 13.77 10.86
C ILE A 152 -3.99 14.08 12.32
N MET A 153 -3.35 13.14 13.01
CA MET A 153 -3.01 13.35 14.43
C MET A 153 -1.97 14.41 14.67
N LEU A 154 -1.04 14.61 13.73
N LEU A 154 -1.04 14.60 13.73
CA LEU A 154 -0.06 15.68 13.93
CA LEU A 154 -0.04 15.67 13.87
C LEU A 154 -0.74 17.04 13.89
C LEU A 154 -0.75 17.03 13.89
N SER A 155 -1.75 17.20 13.02
CA SER A 155 -2.53 18.43 12.99
C SER A 155 -3.28 18.61 14.32
N TYR A 156 -3.84 17.50 14.85
CA TYR A 156 -4.40 17.52 16.18
C TYR A 156 -3.41 17.99 17.22
N LEU A 157 -2.17 17.46 17.21
CA LEU A 157 -1.19 17.88 18.18
C LEU A 157 -0.83 19.37 18.02
N GLN A 158 -0.71 19.84 16.78
CA GLN A 158 -0.40 21.25 16.55
C GLN A 158 -1.51 22.13 17.15
N LYS A 159 -2.76 21.74 16.95
CA LYS A 159 -3.88 22.44 17.50
C LYS A 159 -3.91 22.37 19.04
N LYS A 160 -3.68 21.17 19.59
CA LYS A 160 -3.64 20.99 21.04
C LYS A 160 -2.60 21.89 21.71
N LEU A 161 -1.37 21.82 21.19
CA LEU A 161 -0.27 22.54 21.78
C LEU A 161 -0.36 24.06 21.63
N SER A 162 -1.16 24.50 20.67
CA SER A 162 -1.48 25.91 20.48
C SER A 162 -2.67 26.36 21.30
N GLY A 163 -3.30 25.46 22.05
CA GLY A 163 -4.41 25.84 22.95
C GLY A 163 -5.82 25.69 22.42
N GLN A 164 -5.96 24.97 21.30
CA GLN A 164 -7.27 24.79 20.67
C GLN A 164 -8.14 23.99 21.60
N ARG A 165 -9.37 24.47 21.72
CA ARG A 165 -10.40 23.80 22.46
C ARG A 165 -11.31 22.99 21.54
N ASP A 166 -12.01 22.07 22.16
CA ASP A 166 -13.04 21.30 21.52
C ASP A 166 -12.44 20.28 20.54
N LEU A 167 -11.21 19.85 20.77
CA LEU A 167 -10.71 18.76 19.94
C LEU A 167 -11.36 17.45 20.38
N PRO A 168 -11.54 16.51 19.46
CA PRO A 168 -12.20 15.27 19.80
C PRO A 168 -11.41 14.41 20.75
N GLN A 169 -12.17 13.62 21.52
CA GLN A 169 -11.59 12.48 22.26
C GLN A 169 -11.06 11.47 21.23
N ILE A 170 -9.97 10.77 21.58
CA ILE A 170 -9.31 9.82 20.69
C ILE A 170 -9.48 8.46 21.30
N LEU A 171 -9.97 7.51 20.49
CA LEU A 171 -10.04 6.10 20.86
C LEU A 171 -9.33 5.34 19.79
N GLY A 172 -8.13 4.89 20.09
CA GLY A 172 -7.40 4.03 19.16
C GLY A 172 -7.58 2.57 19.51
N LEU A 173 -7.64 1.72 18.50
CA LEU A 173 -7.85 0.27 18.69
C LEU A 173 -6.66 -0.45 18.05
N THR A 174 -6.03 -1.36 18.76
CA THR A 174 -4.98 -2.20 18.15
C THR A 174 -4.70 -3.43 18.98
N ALA A 175 -4.37 -4.51 18.33
CA ALA A 175 -3.74 -5.69 18.95
C ALA A 175 -2.23 -5.58 19.06
N SER A 176 -1.59 -4.61 18.37
CA SER A 176 -0.16 -4.72 18.14
C SER A 176 0.44 -3.38 17.82
N PRO A 177 0.79 -2.62 18.87
CA PRO A 177 1.55 -1.37 18.65
C PRO A 177 2.92 -1.59 17.98
N GLY A 178 3.50 -2.79 18.18
CA GLY A 178 4.81 -3.16 17.63
C GLY A 178 5.97 -2.60 18.45
N THR A 179 7.18 -2.89 17.99
CA THR A 179 8.39 -2.32 18.54
C THR A 179 9.11 -1.35 17.61
N GLY A 180 8.59 -1.13 16.42
CA GLY A 180 9.16 -0.15 15.51
C GLY A 180 10.56 -0.47 15.05
N GLY A 181 10.84 -1.77 14.94
CA GLY A 181 12.13 -2.23 14.57
C GLY A 181 13.12 -2.29 15.71
N GLU A 182 12.72 -1.84 16.89
CA GLU A 182 13.60 -1.86 18.07
C GLU A 182 13.71 -3.27 18.64
N THR A 183 14.89 -3.66 19.04
CA THR A 183 15.10 -4.99 19.61
C THR A 183 15.55 -4.96 21.07
N SER A 184 15.75 -3.77 21.62
CA SER A 184 16.05 -3.62 23.03
C SER A 184 14.81 -3.20 23.79
N PHE A 185 14.84 -3.43 25.11
CA PHE A 185 13.72 -3.01 25.95
C PHE A 185 13.57 -1.50 25.97
N GLU A 186 14.69 -0.79 26.13
CA GLU A 186 14.69 0.68 26.13
C GLU A 186 14.06 1.23 24.84
N GLY A 187 14.47 0.67 23.71
CA GLY A 187 13.97 1.08 22.40
C GLY A 187 12.48 0.77 22.24
N ALA A 188 12.07 -0.39 22.71
CA ALA A 188 10.66 -0.78 22.57
C ALA A 188 9.77 0.10 23.41
N VAL A 189 10.22 0.43 24.62
CA VAL A 189 9.46 1.33 25.48
C VAL A 189 9.34 2.71 24.81
N GLU A 190 10.45 3.20 24.28
CA GLU A 190 10.42 4.49 23.57
C GLU A 190 9.44 4.49 22.40
N HIS A 191 9.36 3.36 21.70
CA HIS A 191 8.44 3.24 20.58
C HIS A 191 6.98 3.32 21.08
N ILE A 192 6.68 2.60 22.17
CA ILE A 192 5.34 2.66 22.71
C ILE A 192 5.00 4.09 23.12
N LEU A 193 5.93 4.77 23.79
CA LEU A 193 5.69 6.14 24.20
C LEU A 193 5.46 7.05 22.99
N GLN A 194 6.18 6.79 21.91
CA GLN A 194 5.99 7.59 20.69
C GLN A 194 4.59 7.42 20.10
N ILE A 195 4.11 6.17 20.08
N ILE A 195 4.10 6.18 20.06
CA ILE A 195 2.73 5.90 19.61
CA ILE A 195 2.73 5.94 19.59
C ILE A 195 1.72 6.61 20.51
C ILE A 195 1.70 6.60 20.51
N CYS A 196 1.92 6.52 21.82
CA CYS A 196 1.07 7.21 22.78
C CYS A 196 1.09 8.73 22.51
N ALA A 197 2.28 9.30 22.29
CA ALA A 197 2.36 10.73 22.03
C ALA A 197 1.60 11.10 20.75
N ASN A 198 1.78 10.28 19.70
CA ASN A 198 1.16 10.54 18.44
C ASN A 198 -0.38 10.56 18.50
N LEU A 199 -0.93 9.69 19.37
CA LEU A 199 -2.35 9.53 19.53
C LEU A 199 -2.91 10.32 20.71
N ASP A 200 -2.04 11.09 21.34
CA ASP A 200 -2.39 11.86 22.54
C ASP A 200 -3.07 11.02 23.61
N THR A 201 -2.49 9.87 23.85
CA THR A 201 -3.04 8.86 24.71
C THR A 201 -2.83 9.21 26.19
N GLU A 202 -3.91 9.11 26.95
CA GLU A 202 -3.82 9.21 28.43
C GLU A 202 -3.60 7.87 29.09
N VAL A 203 -4.22 6.82 28.54
CA VAL A 203 -4.10 5.47 29.12
C VAL A 203 -4.13 4.42 28.00
N ILE A 204 -3.23 3.43 28.10
CA ILE A 204 -3.33 2.23 27.31
C ILE A 204 -4.16 1.25 28.15
N ALA A 205 -5.34 0.93 27.67
CA ALA A 205 -6.29 0.11 28.36
C ALA A 205 -6.31 -1.30 27.81
N SER A 206 -6.16 -2.29 28.68
CA SER A 206 -6.21 -3.67 28.27
C SER A 206 -7.04 -4.49 29.26
N ALA A 207 -7.07 -5.79 29.08
CA ALA A 207 -7.77 -6.67 30.01
C ALA A 207 -7.00 -6.75 31.31
N GLN A 208 -7.70 -7.02 32.39
CA GLN A 208 -7.05 -7.25 33.69
C GLN A 208 -7.00 -8.71 34.03
N GLN A 220 -4.52 -21.73 22.18
CA GLN A 220 -5.15 -22.82 21.42
C GLN A 220 -4.72 -22.98 19.93
N PRO A 221 -4.56 -21.86 19.14
CA PRO A 221 -4.05 -22.06 17.76
C PRO A 221 -2.64 -22.63 17.72
N THR A 222 -2.31 -23.38 16.67
CA THR A 222 -1.02 -24.02 16.55
C THR A 222 -0.24 -23.36 15.44
N LYS A 223 1.06 -23.33 15.59
CA LYS A 223 1.93 -22.75 14.57
C LYS A 223 2.92 -23.81 14.14
N GLN A 224 3.14 -23.88 12.83
CA GLN A 224 4.11 -24.80 12.26
C GLN A 224 4.94 -24.12 11.19
N TYR A 225 6.21 -24.53 11.12
CA TYR A 225 7.13 -24.10 10.06
C TYR A 225 7.19 -25.21 9.02
N ASP A 226 6.73 -24.86 7.81
CA ASP A 226 6.71 -25.78 6.68
C ASP A 226 7.83 -25.36 5.78
N LEU A 227 9.03 -25.88 6.03
CA LEU A 227 10.19 -25.41 5.36
C LEU A 227 10.44 -26.20 4.09
N CYS A 228 10.89 -25.53 3.06
CA CYS A 228 11.25 -26.16 1.83
C CYS A 228 12.72 -25.96 1.52
N GLN A 229 13.25 -26.86 0.68
CA GLN A 229 14.64 -26.81 0.26
C GLN A 229 14.74 -26.14 -1.10
N GLU A 230 15.91 -25.60 -1.39
CA GLU A 230 16.22 -25.18 -2.74
C GLU A 230 16.04 -26.38 -3.69
N ARG A 231 15.50 -26.12 -4.86
CA ARG A 231 15.38 -27.09 -5.97
C ARG A 231 16.68 -27.79 -6.23
N GLU A 232 16.66 -29.12 -6.43
CA GLU A 232 17.93 -29.80 -6.71
C GLU A 232 18.49 -29.36 -8.06
N GLN A 233 17.63 -29.26 -9.06
CA GLN A 233 18.03 -28.86 -10.41
C GLN A 233 17.09 -27.79 -10.89
N ASP A 234 17.65 -26.68 -11.36
CA ASP A 234 16.85 -25.56 -11.86
C ASP A 234 17.39 -25.14 -13.25
N PRO A 235 17.18 -26.01 -14.25
CA PRO A 235 17.68 -25.67 -15.58
C PRO A 235 17.04 -24.42 -16.20
N PHE A 236 15.79 -24.14 -15.84
CA PHE A 236 15.14 -22.95 -16.35
C PHE A 236 15.84 -21.68 -15.78
N GLY A 237 16.03 -21.64 -14.48
CA GLY A 237 16.73 -20.52 -13.87
C GLY A 237 18.16 -20.40 -14.37
N GLN A 238 18.82 -21.54 -14.52
CA GLN A 238 20.19 -21.55 -14.99
C GLN A 238 20.25 -20.94 -16.40
N ARG A 239 19.26 -21.25 -17.25
CA ARG A 239 19.28 -20.68 -18.60
C ARG A 239 19.05 -19.17 -18.57
N LEU A 240 18.16 -18.68 -17.71
CA LEU A 240 17.97 -17.26 -17.64
C LEU A 240 19.26 -16.55 -17.19
N LYS A 241 19.98 -17.14 -16.24
CA LYS A 241 21.23 -16.53 -15.76
C LYS A 241 22.28 -16.51 -16.86
N LYS A 242 22.31 -17.58 -17.64
CA LYS A 242 23.23 -17.63 -18.78
C LYS A 242 22.93 -16.49 -19.78
N ILE A 243 21.65 -16.27 -20.05
N ILE A 243 21.65 -16.28 -20.04
CA ILE A 243 21.25 -15.19 -20.95
CA ILE A 243 21.23 -15.22 -20.94
C ILE A 243 21.59 -13.82 -20.37
C ILE A 243 21.56 -13.83 -20.37
N MET A 244 21.37 -13.64 -19.06
CA MET A 244 21.71 -12.38 -18.44
C MET A 244 23.20 -12.08 -18.58
N ALA A 245 24.02 -13.09 -18.36
CA ALA A 245 25.46 -12.94 -18.53
C ALA A 245 25.82 -12.55 -19.98
N GLN A 246 25.15 -13.15 -20.95
N GLN A 246 25.14 -13.15 -20.95
CA GLN A 246 25.36 -12.79 -22.37
CA GLN A 246 25.35 -12.83 -22.36
C GLN A 246 25.00 -11.34 -22.63
C GLN A 246 24.96 -11.37 -22.69
N ILE A 247 23.88 -10.88 -22.09
CA ILE A 247 23.47 -9.49 -22.27
C ILE A 247 24.47 -8.53 -21.60
N GLN A 248 24.90 -8.87 -20.40
CA GLN A 248 25.93 -8.04 -19.75
C GLN A 248 27.25 -7.97 -20.52
N GLU A 249 27.65 -9.07 -21.16
CA GLU A 249 28.84 -9.00 -22.01
C GLU A 249 28.64 -8.04 -23.20
N HIS A 250 27.46 -8.05 -23.79
CA HIS A 250 27.09 -7.12 -24.87
C HIS A 250 27.16 -5.65 -24.47
N MET A 251 26.98 -5.36 -23.19
CA MET A 251 27.01 -3.98 -22.72
C MET A 251 28.43 -3.41 -22.62
N GLU A 252 29.44 -4.29 -22.63
CA GLU A 252 30.84 -3.85 -22.65
C GLU A 252 31.17 -2.90 -21.49
N MET A 253 30.85 -3.34 -20.28
CA MET A 253 31.05 -2.54 -19.08
C MET A 253 31.65 -3.35 -17.97
N PRO A 254 32.69 -2.80 -17.32
CA PRO A 254 33.28 -3.48 -16.18
C PRO A 254 32.44 -3.19 -14.94
N GLU A 255 32.60 -4.05 -13.94
CA GLU A 255 31.98 -3.82 -12.63
C GLU A 255 30.45 -3.99 -12.63
N LEU A 256 29.88 -4.68 -13.62
CA LEU A 256 28.43 -4.94 -13.60
C LEU A 256 28.06 -5.98 -12.54
N PRO A 257 26.85 -5.87 -11.93
CA PRO A 257 26.50 -6.85 -10.90
C PRO A 257 26.36 -8.28 -11.48
N GLN A 258 26.73 -9.29 -10.68
CA GLN A 258 26.74 -10.71 -11.08
C GLN A 258 25.71 -11.56 -10.33
N ASN A 259 25.07 -10.98 -9.33
CA ASN A 259 24.23 -11.71 -8.39
C ASN A 259 22.79 -11.83 -8.89
N PHE A 260 22.64 -12.53 -10.02
CA PHE A 260 21.36 -12.61 -10.71
C PHE A 260 20.31 -13.29 -9.84
N GLY A 261 19.05 -12.80 -9.93
CA GLY A 261 17.93 -13.39 -9.24
C GLY A 261 17.73 -12.94 -7.81
N THR A 262 18.13 -11.71 -7.50
CA THR A 262 18.04 -11.14 -6.17
C THR A 262 17.48 -9.72 -6.22
N GLN A 263 16.95 -9.28 -5.09
CA GLN A 263 16.47 -7.90 -4.96
C GLN A 263 17.65 -6.92 -5.05
N VAL A 264 18.82 -7.29 -4.59
CA VAL A 264 19.96 -6.39 -4.72
C VAL A 264 20.35 -6.19 -6.19
N TYR A 265 20.34 -7.29 -6.97
CA TYR A 265 20.63 -7.16 -8.38
C TYR A 265 19.58 -6.20 -9.02
N GLU A 266 18.31 -6.41 -8.70
CA GLU A 266 17.23 -5.58 -9.23
C GLU A 266 17.53 -4.11 -8.98
N GLN A 267 17.88 -3.80 -7.73
CA GLN A 267 18.19 -2.44 -7.36
C GLN A 267 19.35 -1.89 -8.17
N ARG A 268 20.45 -2.65 -8.22
CA ARG A 268 21.66 -2.17 -8.91
C ARG A 268 21.44 -1.99 -10.40
N ILE A 269 20.67 -2.87 -11.02
CA ILE A 269 20.40 -2.72 -12.47
C ILE A 269 19.47 -1.57 -12.78
N VAL A 270 18.49 -1.31 -11.90
CA VAL A 270 17.64 -0.15 -12.08
C VAL A 270 18.43 1.14 -11.80
N GLU A 271 19.30 1.11 -10.80
CA GLU A 271 20.18 2.27 -10.55
C GLU A 271 21.07 2.57 -11.76
N LEU A 272 21.58 1.53 -12.40
CA LEU A 272 22.35 1.70 -13.63
C LEU A 272 21.46 2.27 -14.74
N GLU A 273 20.23 1.75 -14.84
CA GLU A 273 19.27 2.25 -15.81
C GLU A 273 19.00 3.76 -15.61
N ASN A 274 18.84 4.17 -14.34
CA ASN A 274 18.57 5.57 -14.06
C ASN A 274 19.77 6.44 -14.41
N ARG A 275 20.97 5.97 -14.07
CA ARG A 275 22.19 6.69 -14.43
C ARG A 275 22.34 6.82 -15.94
N ALA A 276 22.02 5.73 -16.67
CA ALA A 276 22.07 5.78 -18.14
C ALA A 276 21.05 6.70 -18.75
N ALA A 277 19.92 6.90 -18.08
CA ALA A 277 18.92 7.88 -18.54
C ALA A 277 19.46 9.28 -18.34
N GLU A 278 20.08 9.48 -17.19
CA GLU A 278 20.59 10.80 -16.83
C GLU A 278 21.76 11.25 -17.71
N ARG A 279 22.53 10.28 -18.18
CA ARG A 279 23.63 10.48 -19.09
C ARG A 279 23.36 10.21 -20.59
N PHE A 280 22.13 9.85 -20.91
CA PHE A 280 21.73 9.48 -22.22
C PHE A 280 22.64 8.48 -22.85
N CYS A 281 22.74 7.33 -22.24
N CYS A 281 22.71 7.31 -22.24
CA CYS A 281 23.40 6.21 -22.89
CA CYS A 281 23.41 6.16 -22.80
C CYS A 281 22.31 5.18 -23.18
C CYS A 281 22.32 5.15 -23.18
N ARG A 282 21.82 5.25 -24.40
CA ARG A 282 20.62 4.50 -24.82
C ARG A 282 20.89 3.02 -24.75
N LYS A 283 22.03 2.57 -25.26
CA LYS A 283 22.31 1.15 -25.25
C LYS A 283 22.33 0.59 -23.82
N THR A 284 22.99 1.27 -22.92
CA THR A 284 23.03 0.80 -21.54
C THR A 284 21.67 0.81 -20.86
N ARG A 285 20.90 1.88 -21.09
N ARG A 285 20.90 1.87 -21.10
CA ARG A 285 19.59 1.97 -20.48
CA ARG A 285 19.58 2.01 -20.50
C ARG A 285 18.67 0.84 -20.91
C ARG A 285 18.65 0.88 -20.93
N VAL A 286 18.62 0.57 -22.21
CA VAL A 286 17.74 -0.46 -22.74
C VAL A 286 18.17 -1.86 -22.28
N CYS A 287 19.47 -2.15 -22.33
CA CYS A 287 19.93 -3.41 -21.82
C CYS A 287 19.56 -3.60 -20.33
N ALA A 288 19.78 -2.56 -19.53
CA ALA A 288 19.42 -2.62 -18.13
C ALA A 288 17.92 -2.88 -17.93
N LEU A 289 17.08 -2.24 -18.74
N LEU A 289 17.09 -2.19 -18.73
CA LEU A 289 15.62 -2.39 -18.64
CA LEU A 289 15.64 -2.41 -18.72
C LEU A 289 15.23 -3.84 -18.92
C LEU A 289 15.29 -3.86 -18.88
N HIS A 290 15.86 -4.46 -19.92
CA HIS A 290 15.62 -5.88 -20.21
C HIS A 290 16.16 -6.78 -19.12
N LEU A 291 17.34 -6.46 -18.60
CA LEU A 291 17.91 -7.27 -17.51
C LEU A 291 17.03 -7.28 -16.29
N ARG A 292 16.38 -6.15 -16.02
CA ARG A 292 15.45 -6.11 -14.90
C ARG A 292 14.30 -7.10 -15.14
N ARG A 293 13.82 -7.21 -16.39
CA ARG A 293 12.76 -8.18 -16.71
C ARG A 293 13.22 -9.64 -16.55
N TYR A 294 14.46 -9.95 -16.96
CA TYR A 294 14.98 -11.30 -16.72
C TYR A 294 15.07 -11.53 -15.20
N ASN A 295 15.54 -10.53 -14.47
CA ASN A 295 15.62 -10.70 -13.01
C ASN A 295 14.24 -10.90 -12.39
N ASP A 296 13.25 -10.15 -12.87
CA ASP A 296 11.89 -10.35 -12.43
C ASP A 296 11.44 -11.81 -12.67
N ALA A 297 11.80 -12.35 -13.84
CA ALA A 297 11.47 -13.74 -14.19
C ALA A 297 12.12 -14.73 -13.23
N LEU A 298 13.39 -14.50 -12.85
CA LEU A 298 14.02 -15.33 -11.86
C LEU A 298 13.32 -15.27 -10.51
N LEU A 299 12.87 -14.08 -10.11
CA LEU A 299 12.18 -13.95 -8.82
C LEU A 299 10.83 -14.67 -8.88
N ILE A 300 10.13 -14.57 -10.02
CA ILE A 300 8.89 -15.30 -10.20
C ILE A 300 9.16 -16.81 -10.18
N ASN A 301 10.20 -17.26 -10.90
CA ASN A 301 10.55 -18.68 -10.93
C ASN A 301 10.79 -19.23 -9.49
N ASP A 302 11.41 -18.42 -8.64
CA ASP A 302 11.65 -18.86 -7.26
C ASP A 302 10.40 -18.94 -6.40
N THR A 303 9.38 -18.17 -6.77
CA THR A 303 8.18 -18.05 -5.98
C THR A 303 7.05 -18.97 -6.44
N VAL A 304 6.84 -19.07 -7.75
CA VAL A 304 5.73 -19.85 -8.30
C VAL A 304 6.27 -20.77 -9.38
N ARG A 305 5.55 -20.91 -10.50
CA ARG A 305 5.95 -21.95 -11.49
C ARG A 305 6.91 -21.40 -12.52
N MET A 306 7.66 -22.31 -13.14
CA MET A 306 8.48 -21.91 -14.28
C MET A 306 7.67 -21.25 -15.38
N MET A 307 6.47 -21.77 -15.63
CA MET A 307 5.68 -21.19 -16.72
C MET A 307 5.23 -19.75 -16.41
N ASP A 308 5.04 -19.44 -15.13
CA ASP A 308 4.70 -18.06 -14.73
C ASP A 308 5.86 -17.13 -15.06
N ALA A 309 7.07 -17.60 -14.83
CA ALA A 309 8.24 -16.82 -15.17
C ALA A 309 8.42 -16.68 -16.67
N PHE A 310 8.17 -17.78 -17.39
CA PHE A 310 8.27 -17.75 -18.84
C PHE A 310 7.28 -16.74 -19.41
N GLN A 311 6.06 -16.74 -18.87
CA GLN A 311 5.02 -15.83 -19.36
C GLN A 311 5.39 -14.37 -19.12
N CYS A 312 6.08 -14.10 -18.03
CA CYS A 312 6.61 -12.77 -17.75
C CYS A 312 7.49 -12.29 -18.93
N LEU A 313 8.44 -13.13 -19.35
CA LEU A 313 9.37 -12.76 -20.43
C LEU A 313 8.73 -12.77 -21.81
N GLN A 314 7.94 -13.81 -22.08
CA GLN A 314 7.23 -13.89 -23.35
C GLN A 314 6.36 -12.66 -23.59
N GLN A 315 5.59 -12.26 -22.58
CA GLN A 315 4.74 -11.04 -22.69
C GLN A 315 5.54 -9.80 -22.99
N PHE A 316 6.68 -9.67 -22.33
CA PHE A 316 7.57 -8.55 -22.54
C PHE A 316 8.09 -8.49 -24.00
N TYR A 317 8.47 -9.64 -24.55
CA TYR A 317 9.00 -9.68 -25.92
C TYR A 317 7.95 -9.76 -27.00
N ALA A 318 6.70 -10.03 -26.65
CA ALA A 318 5.63 -10.00 -27.67
C ALA A 318 5.24 -8.58 -28.00
N ASP A 319 4.98 -7.79 -26.96
CA ASP A 319 4.62 -6.36 -27.07
C ASP A 319 5.39 -5.66 -28.19
N LYS A 324 14.85 -3.82 -36.30
CA LYS A 324 14.47 -2.52 -35.78
C LYS A 324 15.73 -1.70 -35.30
N ASP A 325 15.90 -1.49 -33.99
CA ASP A 325 17.11 -0.86 -33.40
C ASP A 325 18.18 -1.94 -33.21
N PRO A 326 19.49 -1.58 -33.22
CA PRO A 326 20.47 -2.67 -33.07
C PRO A 326 20.48 -3.35 -31.68
N THR A 327 20.31 -2.56 -30.62
CA THR A 327 20.31 -3.10 -29.25
C THR A 327 19.05 -3.97 -29.05
N GLU A 328 17.91 -3.43 -29.46
CA GLU A 328 16.66 -4.17 -29.40
C GLU A 328 16.66 -5.44 -30.25
N ARG A 329 17.28 -5.37 -31.43
CA ARG A 329 17.42 -6.54 -32.29
C ARG A 329 18.25 -7.63 -31.62
N PHE A 330 19.37 -7.21 -31.03
CA PHE A 330 20.19 -8.14 -30.26
C PHE A 330 19.38 -8.81 -29.12
N LEU A 331 18.61 -8.01 -28.41
CA LEU A 331 17.88 -8.51 -27.25
C LEU A 331 16.74 -9.44 -27.71
N ALA A 332 16.04 -9.06 -28.78
CA ALA A 332 14.96 -9.91 -29.35
C ALA A 332 15.49 -11.25 -29.86
N THR A 333 16.58 -11.18 -30.61
CA THR A 333 17.21 -12.39 -31.10
C THR A 333 17.62 -13.30 -29.98
N THR A 334 18.22 -12.71 -28.94
CA THR A 334 18.69 -13.48 -27.81
C THR A 334 17.56 -14.23 -27.14
N PHE A 335 16.43 -13.57 -26.99
CA PHE A 335 15.29 -14.26 -26.41
C PHE A 335 14.76 -15.36 -27.32
N GLU A 336 14.58 -15.01 -28.60
CA GLU A 336 14.06 -15.97 -29.58
C GLU A 336 14.92 -17.25 -29.70
N GLU A 337 16.24 -17.12 -29.61
CA GLU A 337 17.14 -18.25 -29.61
C GLU A 337 16.96 -19.20 -28.45
N ASN A 338 16.42 -18.69 -27.34
CA ASN A 338 16.24 -19.50 -26.12
C ASN A 338 14.81 -19.80 -25.77
N ARG A 339 13.87 -19.13 -26.43
CA ARG A 339 12.44 -19.24 -26.12
C ARG A 339 11.91 -20.68 -26.05
N ALA A 340 12.17 -21.48 -27.07
CA ALA A 340 11.55 -22.78 -27.12
C ALA A 340 12.12 -23.69 -26.07
N THR A 341 13.42 -23.60 -25.81
CA THR A 341 14.04 -24.39 -24.76
C THR A 341 13.44 -24.01 -23.41
N LEU A 342 13.28 -22.72 -23.21
CA LEU A 342 12.70 -22.24 -21.94
C LEU A 342 11.28 -22.73 -21.74
N GLN A 343 10.49 -22.68 -22.80
CA GLN A 343 9.10 -23.13 -22.68
C GLN A 343 9.06 -24.61 -22.40
N ALA A 344 9.93 -25.37 -23.10
CA ALA A 344 9.98 -26.83 -22.88
C ALA A 344 10.39 -27.17 -21.48
N LEU A 345 11.41 -26.51 -20.97
CA LEU A 345 11.80 -26.71 -19.59
C LEU A 345 10.67 -26.39 -18.62
N ALA A 346 9.94 -25.34 -18.89
CA ALA A 346 8.87 -24.91 -18.00
C ALA A 346 7.73 -25.89 -17.93
N GLY A 347 7.60 -26.76 -18.93
CA GLY A 347 6.62 -27.85 -18.93
C GLY A 347 7.09 -29.13 -18.32
N ASP A 348 8.31 -29.17 -17.77
CA ASP A 348 8.86 -30.42 -17.23
C ASP A 348 8.64 -30.50 -15.71
N GLN A 349 7.86 -31.49 -15.28
CA GLN A 349 7.52 -31.68 -13.84
C GLN A 349 8.74 -31.97 -12.98
N ARG A 350 9.83 -32.44 -13.60
CA ARG A 350 11.04 -32.74 -12.83
C ARG A 350 11.61 -31.55 -12.08
N TYR A 351 11.34 -30.33 -12.57
CA TYR A 351 11.98 -29.16 -12.01
C TYR A 351 10.98 -28.29 -11.24
N GLU A 352 9.95 -28.92 -10.66
CA GLU A 352 8.91 -28.23 -9.89
C GLU A 352 9.50 -27.42 -8.74
N ASN A 353 8.85 -26.30 -8.43
CA ASN A 353 9.22 -25.50 -7.30
C ASN A 353 8.86 -26.18 -5.99
N PRO A 354 9.88 -26.48 -5.11
CA PRO A 354 9.55 -27.07 -3.82
C PRO A 354 8.62 -26.27 -2.96
N ARG A 355 8.56 -24.94 -3.16
CA ARG A 355 7.57 -24.15 -2.41
C ARG A 355 6.14 -24.60 -2.74
N LEU A 356 5.89 -24.90 -4.00
CA LEU A 356 4.58 -25.33 -4.46
C LEU A 356 4.31 -26.76 -4.04
N SER A 357 5.35 -27.61 -4.11
CA SER A 357 5.21 -28.99 -3.61
C SER A 357 4.79 -28.98 -2.14
N LYS A 358 5.37 -28.07 -1.36
CA LYS A 358 5.04 -27.97 0.05
C LYS A 358 3.63 -27.45 0.24
N LEU A 359 3.27 -26.41 -0.51
CA LEU A 359 1.91 -25.87 -0.42
C LEU A 359 0.87 -26.93 -0.75
N GLU A 360 1.14 -27.70 -1.81
CA GLU A 360 0.26 -28.82 -2.15
C GLU A 360 0.07 -29.80 -0.97
N GLU A 361 1.17 -30.16 -0.28
CA GLU A 361 1.07 -31.04 0.88
C GLU A 361 0.16 -30.46 1.97
N ILE A 362 0.29 -29.15 2.20
CA ILE A 362 -0.51 -28.50 3.25
C ILE A 362 -1.99 -28.54 2.87
N LEU A 363 -2.29 -28.17 1.65
CA LEU A 363 -3.69 -28.13 1.21
C LEU A 363 -4.27 -29.55 1.16
N GLN A 364 -3.50 -30.51 0.67
CA GLN A 364 -3.98 -31.91 0.66
C GLN A 364 -4.32 -32.43 2.05
N GLU A 365 -3.49 -32.09 3.02
CA GLU A 365 -3.74 -32.51 4.40
C GLU A 365 -4.96 -31.82 5.02
N HIS A 366 -5.16 -30.56 4.71
CA HIS A 366 -6.18 -29.79 5.43
C HIS A 366 -7.52 -29.64 4.72
N PHE A 367 -7.60 -29.87 3.42
CA PHE A 367 -8.85 -29.71 2.70
C PHE A 367 -9.35 -31.10 2.24
N GLN A 368 -9.34 -32.07 3.15
CA GLN A 368 -9.93 -33.41 2.89
C GLN A 368 -10.87 -33.78 4.03
N GLY A 371 -13.90 -28.47 2.24
CA GLY A 371 -15.08 -28.48 3.08
C GLY A 371 -14.88 -28.27 4.59
N SER A 372 -13.92 -28.94 5.21
CA SER A 372 -13.70 -28.74 6.64
C SER A 372 -13.04 -27.32 6.76
N SER A 373 -11.91 -27.19 6.10
CA SER A 373 -11.12 -26.04 6.32
C SER A 373 -11.57 -24.82 5.53
N ARG A 374 -11.10 -23.69 6.02
CA ARG A 374 -11.47 -22.38 5.50
C ARG A 374 -10.17 -21.56 5.64
N GLY A 375 -9.50 -21.29 4.53
CA GLY A 375 -8.15 -20.85 4.58
C GLY A 375 -7.80 -19.59 3.83
N ILE A 376 -6.75 -18.91 4.29
CA ILE A 376 -6.14 -17.80 3.56
C ILE A 376 -4.65 -18.09 3.38
N VAL A 377 -4.20 -18.08 2.13
CA VAL A 377 -2.79 -18.14 1.82
C VAL A 377 -2.35 -16.73 1.43
N PHE A 378 -1.52 -16.12 2.29
CA PHE A 378 -1.00 -14.79 2.06
C PHE A 378 0.27 -14.81 1.23
N THR A 379 0.26 -13.99 0.17
N THR A 379 0.24 -14.00 0.16
CA THR A 379 1.41 -13.84 -0.70
CA THR A 379 1.40 -13.81 -0.72
C THR A 379 1.79 -12.38 -0.75
C THR A 379 1.80 -12.37 -0.71
N LYS A 380 3.02 -12.09 -1.18
CA LYS A 380 3.50 -10.69 -1.25
C LYS A 380 2.79 -9.91 -2.35
N THR A 381 2.84 -10.41 -3.58
CA THR A 381 2.39 -9.62 -4.72
C THR A 381 1.02 -10.07 -5.22
N ARG A 382 0.34 -9.16 -5.90
CA ARG A 382 -0.89 -9.49 -6.57
C ARG A 382 -0.65 -10.58 -7.64
N GLN A 383 0.43 -10.46 -8.39
CA GLN A 383 0.69 -11.42 -9.46
C GLN A 383 0.89 -12.82 -8.86
N SER A 384 1.56 -12.91 -7.70
CA SER A 384 1.74 -14.21 -7.07
C SER A 384 0.40 -14.83 -6.68
N ALA A 385 -0.52 -14.01 -6.19
CA ALA A 385 -1.81 -14.54 -5.79
C ALA A 385 -2.55 -15.13 -6.99
N HIS A 386 -2.54 -14.39 -8.11
CA HIS A 386 -3.15 -14.90 -9.35
C HIS A 386 -2.45 -16.17 -9.83
N SER A 387 -1.14 -16.19 -9.77
CA SER A 387 -0.37 -17.38 -10.20
C SER A 387 -0.67 -18.60 -9.34
N LEU A 388 -0.82 -18.41 -8.03
CA LEU A 388 -1.17 -19.51 -7.13
C LEU A 388 -2.56 -20.07 -7.45
N LEU A 389 -3.54 -19.18 -7.75
CA LEU A 389 -4.84 -19.67 -8.14
C LEU A 389 -4.77 -20.53 -9.42
N SER A 390 -4.03 -20.04 -10.38
N SER A 390 -4.03 -20.03 -10.40
CA SER A 390 -3.83 -20.77 -11.64
CA SER A 390 -3.83 -20.77 -11.65
C SER A 390 -3.15 -22.13 -11.39
C SER A 390 -3.13 -22.12 -11.40
N TRP A 391 -2.11 -22.12 -10.56
CA TRP A 391 -1.43 -23.35 -10.16
C TRP A 391 -2.42 -24.34 -9.53
N LEU A 392 -3.26 -23.84 -8.61
N LEU A 392 -3.24 -23.86 -8.59
CA LEU A 392 -4.18 -24.70 -7.90
CA LEU A 392 -4.16 -24.75 -7.90
C LEU A 392 -5.11 -25.37 -8.90
C LEU A 392 -5.17 -25.38 -8.86
N GLN A 393 -5.65 -24.55 -9.79
N GLN A 393 -5.66 -24.57 -9.79
CA GLN A 393 -6.59 -25.02 -10.78
CA GLN A 393 -6.62 -25.08 -10.77
C GLN A 393 -5.99 -26.01 -11.79
C GLN A 393 -6.00 -25.96 -11.86
N ASP A 394 -4.67 -25.99 -11.95
CA ASP A 394 -3.94 -26.92 -12.84
C ASP A 394 -3.30 -28.11 -12.13
N THR A 395 -3.54 -28.28 -10.83
CA THR A 395 -2.86 -29.31 -10.02
C THR A 395 -3.81 -30.46 -9.74
N ALA A 396 -3.58 -31.58 -10.44
CA ALA A 396 -4.41 -32.78 -10.35
C ALA A 396 -4.57 -33.26 -8.91
N GLY A 397 -3.48 -33.20 -8.16
CA GLY A 397 -3.47 -33.73 -6.80
C GLY A 397 -4.37 -33.00 -5.82
N LEU A 398 -4.83 -31.80 -6.21
CA LEU A 398 -5.77 -31.02 -5.42
C LEU A 398 -7.18 -31.03 -5.99
N CYS A 399 -7.33 -31.15 -7.31
CA CYS A 399 -8.65 -31.24 -7.92
C CYS A 399 -9.30 -32.55 -7.44
N GLY A 400 -10.28 -32.43 -6.54
CA GLY A 400 -10.89 -33.56 -5.82
C GLY A 400 -11.11 -33.34 -4.33
N GLN A 401 -10.52 -32.27 -3.79
CA GLN A 401 -10.61 -31.92 -2.36
C GLN A 401 -11.75 -30.91 -2.12
N HIS A 402 -12.52 -30.59 -3.16
CA HIS A 402 -13.63 -29.66 -3.05
C HIS A 402 -13.07 -28.29 -2.66
N ILE A 403 -11.99 -27.87 -3.31
CA ILE A 403 -11.45 -26.52 -3.03
C ILE A 403 -12.01 -25.52 -4.03
N ARG A 404 -12.66 -24.52 -3.50
CA ARG A 404 -13.21 -23.41 -4.25
C ARG A 404 -12.43 -22.19 -3.83
N ALA A 405 -11.56 -21.72 -4.68
CA ALA A 405 -10.61 -20.68 -4.36
C ALA A 405 -10.80 -19.42 -5.17
N ALA A 406 -10.31 -18.30 -4.63
CA ALA A 406 -10.33 -17.03 -5.35
C ALA A 406 -9.20 -16.15 -4.84
N VAL A 407 -8.83 -15.17 -5.64
CA VAL A 407 -7.87 -14.16 -5.27
C VAL A 407 -8.53 -12.98 -4.58
N LEU A 408 -7.84 -12.47 -3.57
CA LEU A 408 -8.25 -11.24 -2.92
C LEU A 408 -7.05 -10.29 -2.93
N THR A 409 -7.21 -9.13 -3.56
CA THR A 409 -6.23 -8.07 -3.52
C THR A 409 -6.94 -6.79 -3.23
N GLY A 410 -6.14 -5.80 -2.90
CA GLY A 410 -6.60 -4.49 -2.79
C GLY A 410 -6.63 -3.81 -4.12
N SER A 411 -6.79 -2.49 -4.04
CA SER A 411 -6.91 -1.70 -5.25
C SER A 411 -5.58 -1.23 -5.85
N GLY A 412 -4.40 -1.75 -5.40
CA GLY A 412 -3.15 -1.44 -6.06
C GLY A 412 -3.19 -1.86 -7.52
N HIS A 413 -2.44 -1.14 -8.35
CA HIS A 413 -2.43 -1.44 -9.79
C HIS A 413 -1.07 -1.18 -10.41
N SER A 414 -0.75 -2.01 -11.40
CA SER A 414 0.44 -1.81 -12.20
C SER A 414 0.21 -2.56 -13.52
N ASN A 415 1.16 -2.42 -14.45
CA ASN A 415 1.17 -3.28 -15.66
C ASN A 415 1.25 -4.79 -15.35
N GLN A 416 1.96 -5.15 -14.28
CA GLN A 416 2.10 -6.56 -13.88
C GLN A 416 0.76 -7.15 -13.47
N ALA A 417 -0.08 -6.33 -12.83
CA ALA A 417 -1.24 -6.83 -12.13
C ALA A 417 -2.21 -5.68 -11.78
N LYS A 418 -3.44 -5.77 -12.31
CA LYS A 418 -4.52 -4.89 -11.88
C LYS A 418 -4.91 -5.20 -10.47
N GLY A 419 -5.69 -4.30 -9.89
CA GLY A 419 -6.27 -4.50 -8.59
C GLY A 419 -7.72 -4.92 -8.61
N MET A 420 -8.33 -4.93 -7.42
CA MET A 420 -9.77 -5.24 -7.22
C MET A 420 -10.47 -4.06 -6.61
N THR A 421 -11.67 -3.75 -7.14
CA THR A 421 -12.49 -2.67 -6.58
C THR A 421 -13.09 -3.07 -5.25
N GLN A 422 -13.61 -2.08 -4.55
CA GLN A 422 -14.31 -2.35 -3.33
C GLN A 422 -15.36 -3.47 -3.52
N ASN A 423 -16.15 -3.37 -4.58
N ASN A 423 -16.22 -3.40 -4.55
CA ASN A 423 -17.23 -4.30 -4.82
CA ASN A 423 -17.28 -4.43 -4.67
C ASN A 423 -16.73 -5.71 -5.12
C ASN A 423 -16.71 -5.79 -5.08
N GLU A 424 -15.65 -5.81 -5.89
CA GLU A 424 -15.03 -7.08 -6.24
C GLU A 424 -14.46 -7.78 -5.00
N GLN A 425 -13.82 -6.99 -4.16
CA GLN A 425 -13.27 -7.51 -2.90
C GLN A 425 -14.41 -8.03 -2.04
N GLN A 426 -15.49 -7.24 -1.97
CA GLN A 426 -16.61 -7.59 -1.12
C GLN A 426 -17.28 -8.89 -1.56
N ASP A 427 -17.37 -9.11 -2.88
CA ASP A 427 -17.97 -10.34 -3.38
C ASP A 427 -17.21 -11.54 -2.90
N VAL A 428 -15.88 -11.48 -3.01
CA VAL A 428 -15.04 -12.59 -2.56
C VAL A 428 -15.18 -12.79 -1.06
N ILE A 429 -15.12 -11.69 -0.32
CA ILE A 429 -15.19 -11.79 1.14
C ILE A 429 -16.52 -12.43 1.57
N THR A 430 -17.61 -11.97 0.98
CA THR A 430 -18.95 -12.48 1.35
C THR A 430 -19.06 -13.98 1.05
N LEU A 431 -18.53 -14.42 -0.09
CA LEU A 431 -18.60 -15.85 -0.40
C LEU A 431 -17.66 -16.67 0.49
N PHE A 432 -16.53 -16.09 0.88
CA PHE A 432 -15.64 -16.76 1.78
C PHE A 432 -16.23 -16.88 3.20
N ARG A 433 -17.00 -15.89 3.63
CA ARG A 433 -17.46 -15.85 5.00
C ARG A 433 -18.22 -17.09 5.42
N TYR A 434 -19.11 -17.63 4.57
CA TYR A 434 -19.84 -18.84 4.91
C TYR A 434 -19.46 -20.05 4.05
N GLY A 435 -18.38 -19.95 3.27
CA GLY A 435 -17.81 -21.10 2.64
C GLY A 435 -18.24 -21.44 1.23
N GLU A 436 -18.97 -20.53 0.60
N GLU A 436 -18.93 -20.55 0.55
CA GLU A 436 -19.22 -20.61 -0.87
CA GLU A 436 -19.12 -20.82 -0.88
C GLU A 436 -17.85 -20.69 -1.57
C GLU A 436 -17.81 -20.72 -1.61
N LEU A 437 -16.87 -19.94 -1.05
CA LEU A 437 -15.47 -20.11 -1.36
C LEU A 437 -14.82 -20.63 -0.07
N ASN A 438 -13.88 -21.53 -0.20
CA ASN A 438 -13.20 -21.96 1.01
C ASN A 438 -11.72 -21.70 1.13
N LEU A 439 -11.15 -21.01 0.13
CA LEU A 439 -9.73 -20.71 0.17
C LEU A 439 -9.49 -19.41 -0.57
N LEU A 440 -8.76 -18.50 0.05
CA LEU A 440 -8.32 -17.29 -0.65
C LEU A 440 -6.82 -17.26 -0.80
N PHE A 441 -6.37 -16.71 -1.94
CA PHE A 441 -4.98 -16.32 -2.14
C PHE A 441 -4.99 -14.82 -2.06
N SER A 442 -4.41 -14.27 -1.00
CA SER A 442 -4.57 -12.86 -0.72
C SER A 442 -3.24 -12.13 -0.53
N THR A 443 -3.24 -10.85 -0.89
CA THR A 443 -2.15 -9.97 -0.47
C THR A 443 -2.41 -9.45 0.93
N SER A 444 -1.54 -8.56 1.38
CA SER A 444 -1.69 -7.93 2.68
C SER A 444 -2.95 -7.08 2.81
N VAL A 445 -3.76 -6.94 1.75
CA VAL A 445 -5.01 -6.25 1.88
C VAL A 445 -5.88 -6.76 3.04
N ALA A 446 -5.79 -8.06 3.29
CA ALA A 446 -6.60 -8.75 4.26
C ALA A 446 -5.84 -9.19 5.49
N GLU A 447 -4.64 -8.67 5.71
CA GLU A 447 -3.90 -9.11 6.88
C GLU A 447 -4.47 -8.59 8.19
N GLU A 448 -5.09 -7.40 8.17
CA GLU A 448 -5.66 -6.80 9.35
C GLU A 448 -7.15 -6.66 9.21
N GLY A 449 -7.83 -6.78 10.33
CA GLY A 449 -9.21 -6.34 10.43
C GLY A 449 -10.26 -7.31 9.93
N LEU A 450 -9.99 -7.97 8.81
CA LEU A 450 -10.93 -8.90 8.24
C LEU A 450 -11.39 -9.92 9.28
N ASP A 451 -12.71 -10.11 9.39
CA ASP A 451 -13.29 -10.99 10.36
C ASP A 451 -14.10 -12.10 9.68
N ILE A 452 -13.56 -13.33 9.71
CA ILE A 452 -14.20 -14.51 9.15
C ILE A 452 -14.15 -15.52 10.31
N PRO A 453 -15.20 -15.55 11.14
CA PRO A 453 -15.22 -16.43 12.30
C PRO A 453 -14.83 -17.89 12.01
N GLU A 454 -15.19 -18.39 10.82
CA GLU A 454 -14.92 -19.78 10.46
C GLU A 454 -13.51 -20.05 9.87
N CYS A 455 -12.72 -19.00 9.64
CA CYS A 455 -11.39 -19.17 9.09
C CYS A 455 -10.51 -19.90 10.09
N ASN A 456 -9.96 -21.04 9.70
CA ASN A 456 -9.18 -21.88 10.61
C ASN A 456 -7.78 -22.22 10.14
N ILE A 457 -7.35 -21.66 9.01
N ILE A 457 -7.35 -21.69 9.01
CA ILE A 457 -6.02 -21.89 8.52
CA ILE A 457 -5.98 -21.90 8.57
C ILE A 457 -5.50 -20.62 7.88
C ILE A 457 -5.48 -20.68 7.85
N VAL A 458 -4.28 -20.25 8.24
CA VAL A 458 -3.56 -19.15 7.58
C VAL A 458 -2.19 -19.72 7.21
N VAL A 459 -1.82 -19.57 5.94
CA VAL A 459 -0.49 -19.90 5.45
C VAL A 459 0.14 -18.57 5.02
N ARG A 460 1.36 -18.30 5.48
CA ARG A 460 2.11 -17.17 5.02
C ARG A 460 3.22 -17.65 4.13
N TYR A 461 3.07 -17.33 2.83
CA TYR A 461 3.88 -17.93 1.74
C TYR A 461 5.10 -17.07 1.45
N GLY A 462 6.19 -17.38 2.15
CA GLY A 462 7.49 -16.77 1.89
C GLY A 462 7.61 -15.28 2.10
N LEU A 463 6.98 -14.78 3.13
CA LEU A 463 6.88 -13.35 3.37
C LEU A 463 8.01 -12.84 4.25
N MET A 464 8.36 -11.58 4.04
CA MET A 464 9.32 -10.83 4.85
C MET A 464 8.61 -9.59 5.35
N THR A 465 8.17 -9.65 6.59
CA THR A 465 7.35 -8.60 7.17
C THR A 465 7.84 -8.27 8.58
N ASN A 466 7.27 -7.21 9.13
CA ASN A 466 7.44 -6.92 10.54
C ASN A 466 6.54 -7.80 11.40
N GLU A 467 6.68 -7.66 12.72
CA GLU A 467 6.00 -8.51 13.67
C GLU A 467 4.51 -8.17 13.72
N ILE A 468 4.16 -6.92 13.45
CA ILE A 468 2.76 -6.53 13.36
C ILE A 468 2.03 -7.32 12.27
N ALA A 469 2.61 -7.36 11.10
CA ALA A 469 1.97 -8.06 10.00
C ALA A 469 1.86 -9.55 10.26
N MET A 470 2.86 -10.10 10.93
CA MET A 470 2.81 -11.50 11.32
C MET A 470 1.64 -11.79 12.28
N VAL A 471 1.57 -11.02 13.37
CA VAL A 471 0.49 -11.19 14.38
C VAL A 471 -0.87 -10.99 13.72
N GLN A 472 -0.97 -9.96 12.92
CA GLN A 472 -2.26 -9.62 12.32
C GLN A 472 -2.71 -10.73 11.38
N ALA A 473 -1.83 -11.16 10.46
CA ALA A 473 -2.21 -12.15 9.46
C ALA A 473 -2.60 -13.46 10.13
N GLN A 474 -1.77 -13.92 11.09
CA GLN A 474 -2.13 -15.10 11.88
C GLN A 474 -3.51 -14.98 12.48
N GLY A 475 -3.82 -13.77 12.95
CA GLY A 475 -5.08 -13.47 13.58
C GLY A 475 -6.29 -13.59 12.70
N ARG A 476 -6.11 -13.71 11.39
CA ARG A 476 -7.30 -13.89 10.55
C ARG A 476 -7.95 -15.26 10.78
N ALA A 477 -7.16 -16.24 11.28
CA ALA A 477 -7.71 -17.52 11.70
C ALA A 477 -8.42 -17.41 13.05
N ARG A 478 -9.72 -17.12 12.97
CA ARG A 478 -10.55 -16.78 14.13
C ARG A 478 -11.05 -18.03 14.83
N ALA A 479 -11.08 -19.17 14.14
CA ALA A 479 -11.72 -20.36 14.70
C ALA A 479 -10.95 -20.96 15.87
N GLN A 480 -11.67 -21.71 16.73
CA GLN A 480 -11.03 -22.61 17.67
C GLN A 480 -10.25 -23.65 16.88
N ASN A 481 -9.09 -23.99 17.38
CA ASN A 481 -8.26 -25.02 16.76
C ASN A 481 -7.83 -24.60 15.38
N SER A 482 -7.39 -23.36 15.29
CA SER A 482 -6.83 -22.89 14.05
C SER A 482 -5.38 -23.34 13.92
N MET A 483 -4.86 -23.21 12.70
CA MET A 483 -3.48 -23.51 12.39
C MET A 483 -2.88 -22.34 11.60
N TYR A 484 -1.61 -22.08 11.88
N TYR A 484 -1.67 -21.91 12.02
CA TYR A 484 -0.86 -21.10 11.20
CA TYR A 484 -0.80 -21.02 11.26
C TYR A 484 0.47 -21.68 10.70
C TYR A 484 0.38 -21.82 10.67
N SER A 485 0.66 -21.61 9.39
CA SER A 485 1.83 -22.22 8.72
C SER A 485 2.70 -21.12 8.15
N VAL A 486 3.98 -21.20 8.42
CA VAL A 486 5.01 -20.40 7.77
C VAL A 486 5.66 -21.27 6.71
N LEU A 487 5.46 -20.92 5.45
CA LEU A 487 6.00 -21.73 4.36
C LEU A 487 7.15 -20.92 3.76
N ALA A 488 8.38 -21.33 4.07
CA ALA A 488 9.54 -20.55 3.73
C ALA A 488 10.72 -21.48 3.49
N LYS A 489 11.77 -20.93 2.89
CA LYS A 489 12.97 -21.72 2.61
C LYS A 489 13.75 -21.96 3.89
N ALA A 490 14.22 -23.18 4.10
CA ALA A 490 15.10 -23.47 5.22
C ALA A 490 16.31 -22.56 5.22
N ASN A 491 16.73 -22.16 6.43
CA ASN A 491 17.94 -21.36 6.66
C ASN A 491 17.90 -19.95 6.09
N SER A 492 16.70 -19.49 5.70
CA SER A 492 16.54 -18.22 4.98
C SER A 492 16.37 -17.08 5.95
N ARG A 493 16.55 -15.86 5.45
CA ARG A 493 16.28 -14.66 6.22
C ARG A 493 14.85 -14.59 6.64
N GLU A 494 13.96 -15.11 5.81
CA GLU A 494 12.55 -15.09 6.14
C GLU A 494 12.26 -15.89 7.40
N VAL A 495 12.91 -17.06 7.55
CA VAL A 495 12.71 -17.87 8.74
C VAL A 495 13.30 -17.18 9.96
N TYR A 496 14.53 -16.65 9.81
CA TYR A 496 15.13 -15.86 10.88
C TYR A 496 14.20 -14.71 11.31
N ARG A 497 13.67 -13.99 10.34
CA ARG A 497 12.83 -12.85 10.68
C ARG A 497 11.53 -13.26 11.37
N GLU A 498 10.97 -14.40 10.98
CA GLU A 498 9.79 -14.91 11.62
C GLU A 498 10.10 -15.24 13.10
N GLN A 499 11.24 -15.90 13.36
CA GLN A 499 11.61 -16.20 14.75
C GLN A 499 11.86 -14.95 15.54
N LEU A 500 12.54 -13.99 14.93
CA LEU A 500 12.80 -12.73 15.60
C LEU A 500 11.49 -12.05 15.91
N ASN A 501 10.60 -12.01 14.95
CA ASN A 501 9.31 -11.37 15.13
C ASN A 501 8.49 -11.97 16.29
N GLU A 502 8.54 -13.29 16.45
CA GLU A 502 7.89 -13.94 17.57
C GLU A 502 8.44 -13.37 18.88
N SER A 503 9.76 -13.20 18.97
CA SER A 503 10.35 -12.63 20.17
C SER A 503 9.97 -11.15 20.34
N LEU A 504 9.89 -10.40 19.23
CA LEU A 504 9.51 -8.99 19.31
C LEU A 504 8.09 -8.78 19.77
N VAL A 505 7.19 -9.73 19.48
CA VAL A 505 5.85 -9.65 20.05
C VAL A 505 5.91 -9.67 21.58
N GLY A 506 6.72 -10.58 22.12
CA GLY A 506 6.89 -10.59 23.57
C GLY A 506 7.53 -9.33 24.11
N LEU A 507 8.54 -8.84 23.42
CA LEU A 507 9.18 -7.58 23.79
C LEU A 507 8.18 -6.44 23.83
N MET A 508 7.34 -6.38 22.79
CA MET A 508 6.28 -5.38 22.71
C MET A 508 5.38 -5.46 23.92
N GLU A 509 4.95 -6.65 24.26
CA GLU A 509 4.08 -6.83 25.43
C GLU A 509 4.74 -6.33 26.72
N ARG A 510 6.01 -6.68 26.95
N ARG A 510 6.01 -6.64 26.91
CA ARG A 510 6.78 -6.21 28.12
CA ARG A 510 6.77 -6.26 28.12
C ARG A 510 6.78 -4.68 28.14
C ARG A 510 6.94 -4.71 28.16
N ALA A 511 7.09 -4.07 26.98
CA ALA A 511 7.20 -2.63 26.88
C ALA A 511 5.88 -1.95 27.18
N ILE A 512 4.76 -2.49 26.67
CA ILE A 512 3.47 -1.89 26.94
C ILE A 512 3.18 -1.98 28.42
N ARG A 513 3.45 -3.13 29.03
CA ARG A 513 3.19 -3.26 30.49
C ARG A 513 4.04 -2.26 31.28
N ALA A 514 5.26 -2.05 30.87
CA ALA A 514 6.12 -1.07 31.55
C ALA A 514 5.53 0.35 31.43
N VAL A 515 5.05 0.70 30.24
CA VAL A 515 4.41 1.99 30.05
C VAL A 515 3.13 2.12 30.88
N GLN A 516 2.34 1.07 30.92
CA GLN A 516 1.12 1.08 31.71
C GLN A 516 1.37 1.29 33.19
N ALA A 517 2.52 0.78 33.68
CA ALA A 517 2.92 0.84 35.11
C ALA A 517 3.69 2.12 35.47
N MET A 518 4.05 2.95 34.48
CA MET A 518 4.85 4.16 34.74
C MET A 518 4.15 5.13 35.65
N PRO A 519 4.89 5.77 36.57
CA PRO A 519 4.28 6.85 37.31
C PRO A 519 3.71 7.90 36.40
N GLU A 520 2.50 8.37 36.74
CA GLU A 520 1.77 9.31 35.92
C GLU A 520 2.60 10.57 35.60
N ARG A 521 3.32 11.13 36.58
CA ARG A 521 4.10 12.34 36.32
C ARG A 521 5.18 12.10 35.27
N LYS A 522 5.90 10.99 35.39
CA LYS A 522 6.93 10.69 34.44
C LYS A 522 6.33 10.45 33.05
N TYR A 523 5.21 9.76 32.98
CA TYR A 523 4.56 9.52 31.68
C TYR A 523 4.12 10.81 31.03
N ARG A 524 3.41 11.66 31.76
CA ARG A 524 2.93 12.92 31.23
C ARG A 524 4.07 13.80 30.71
N LEU A 525 5.17 13.87 31.45
CA LEU A 525 6.31 14.65 31.05
C LEU A 525 6.96 14.11 29.77
N LYS A 526 7.07 12.80 29.67
CA LYS A 526 7.57 12.20 28.45
C LYS A 526 6.66 12.50 27.25
N ILE A 527 5.35 12.37 27.43
CA ILE A 527 4.42 12.65 26.34
C ILE A 527 4.55 14.08 25.85
N VAL A 528 4.59 15.02 26.79
N VAL A 528 4.59 15.04 26.74
CA VAL A 528 4.77 16.44 26.49
CA VAL A 528 4.66 16.41 26.25
C VAL A 528 5.99 16.63 25.62
C VAL A 528 6.02 16.71 25.61
N GLU A 529 7.11 16.09 26.08
CA GLU A 529 8.38 16.18 25.39
C GLU A 529 8.29 15.65 23.94
N LEU A 530 7.70 14.47 23.77
CA LEU A 530 7.58 13.86 22.49
C LEU A 530 6.64 14.63 21.55
N GLN A 531 5.54 15.17 22.07
CA GLN A 531 4.62 15.92 21.24
C GLN A 531 5.26 17.21 20.77
N ARG A 532 5.95 17.89 21.70
CA ARG A 532 6.69 19.07 21.32
C ARG A 532 7.71 18.79 20.23
N ASN A 533 8.47 17.72 20.41
N ASN A 533 8.46 17.71 20.40
CA ASN A 533 9.46 17.34 19.41
CA ASN A 533 9.47 17.33 19.41
C ASN A 533 8.84 17.05 18.08
C ASN A 533 8.87 17.00 18.07
N ALA A 534 7.68 16.39 18.07
CA ALA A 534 7.01 16.07 16.81
C ALA A 534 6.59 17.32 16.07
N VAL A 535 6.03 18.29 16.77
N VAL A 535 6.02 18.27 16.79
CA VAL A 535 5.53 19.48 16.08
CA VAL A 535 5.53 19.49 16.20
C VAL A 535 6.68 20.40 15.63
C VAL A 535 6.68 20.34 15.64
N LEU A 536 7.78 20.45 16.40
CA LEU A 536 8.96 21.16 15.95
C LEU A 536 9.65 20.48 14.76
N SER A 537 9.78 19.16 14.84
N SER A 537 9.79 19.16 14.84
CA SER A 537 10.42 18.40 13.76
CA SER A 537 10.40 18.38 13.75
C SER A 537 9.66 18.57 12.44
C SER A 537 9.65 18.60 12.45
N TRP A 538 8.33 18.63 12.53
CA TRP A 538 7.48 18.85 11.31
C TRP A 538 7.78 20.20 10.69
N GLN A 539 7.92 21.23 11.51
CA GLN A 539 8.23 22.55 10.98
C GLN A 539 9.56 22.58 10.25
N VAL A 540 10.56 21.92 10.83
CA VAL A 540 11.90 21.87 10.25
C VAL A 540 11.86 21.11 8.91
N LYS A 541 11.13 19.99 8.88
CA LYS A 541 10.96 19.26 7.64
C LYS A 541 10.27 20.08 6.58
N GLU A 542 9.21 20.78 6.93
CA GLU A 542 8.50 21.62 5.97
C GLU A 542 9.38 22.74 5.41
N ALA A 543 10.18 23.33 6.27
CA ALA A 543 11.12 24.35 5.82
C ALA A 543 12.14 23.80 4.85
N ARG A 544 12.69 22.62 5.14
CA ARG A 544 13.68 22.01 4.26
C ARG A 544 13.07 21.66 2.90
N SER A 545 11.86 21.11 2.91
CA SER A 545 11.16 20.79 1.68
C SER A 545 10.90 22.03 0.87
N SER A 546 10.47 23.12 1.51
CA SER A 546 10.26 24.38 0.80
C SER A 546 11.55 24.95 0.19
N GLU A 547 12.65 24.88 0.93
CA GLU A 547 13.91 25.39 0.40
C GLU A 547 14.28 24.62 -0.87
N ARG A 548 14.11 23.31 -0.86
CA ARG A 548 14.45 22.52 -2.03
C ARG A 548 13.58 22.88 -3.24
N ARG A 549 12.31 23.10 -2.98
N ARG A 549 12.27 23.05 -3.03
CA ARG A 549 11.30 23.39 -4.02
CA ARG A 549 11.38 23.35 -4.17
C ARG A 549 11.53 24.72 -4.70
C ARG A 549 11.57 24.74 -4.75
N GLN A 550 12.20 25.66 -4.01
CA GLN A 550 12.41 27.02 -4.50
C GLN A 550 13.79 27.24 -5.10
N LEU A 551 14.57 26.17 -5.33
CA LEU A 551 15.93 26.33 -5.81
C LEU A 551 16.00 26.89 -7.22
N HIS A 552 15.06 26.50 -8.09
CA HIS A 552 15.16 26.90 -9.51
C HIS A 552 13.90 27.60 -9.98
N ASP A 553 14.07 28.57 -10.88
CA ASP A 553 12.99 29.17 -11.61
C ASP A 553 12.43 28.08 -12.55
N PRO A 554 11.11 27.89 -12.58
CA PRO A 554 10.52 26.89 -13.47
C PRO A 554 10.86 27.07 -14.97
N ASP A 555 11.10 28.31 -15.39
CA ASP A 555 11.57 28.55 -16.76
C ASP A 555 12.90 27.93 -17.09
N ASP A 556 13.71 27.66 -16.08
CA ASP A 556 15.06 27.11 -16.26
C ASP A 556 15.13 25.60 -16.13
N VAL A 557 13.97 24.95 -16.03
CA VAL A 557 13.93 23.50 -15.90
C VAL A 557 13.31 22.96 -17.20
N TYR A 558 13.98 22.02 -17.82
CA TYR A 558 13.54 21.37 -19.05
C TYR A 558 13.33 19.88 -18.81
N PHE A 559 12.22 19.36 -19.35
CA PHE A 559 11.89 17.95 -19.28
C PHE A 559 12.39 17.32 -20.56
N HIS A 560 13.07 16.16 -20.44
CA HIS A 560 13.50 15.38 -21.59
C HIS A 560 12.79 14.02 -21.54
N CYS A 561 12.37 13.51 -22.70
CA CYS A 561 11.89 12.14 -22.79
C CYS A 561 12.93 11.15 -22.24
N VAL A 562 12.52 10.28 -21.32
CA VAL A 562 13.49 9.35 -20.73
C VAL A 562 14.10 8.41 -21.77
N ASN A 563 13.37 8.13 -22.86
CA ASN A 563 13.81 7.16 -23.84
C ASN A 563 14.70 7.73 -24.92
N CYS A 564 14.32 8.88 -25.48
CA CYS A 564 15.04 9.44 -26.61
C CYS A 564 15.75 10.76 -26.31
N ASN A 565 15.55 11.29 -25.10
CA ASN A 565 16.23 12.49 -24.61
C ASN A 565 15.80 13.80 -25.26
N VAL A 566 14.76 13.80 -26.09
CA VAL A 566 14.32 15.06 -26.71
C VAL A 566 13.70 15.97 -25.65
N ALA A 567 13.88 17.26 -25.80
CA ALA A 567 13.27 18.22 -24.90
C ALA A 567 11.80 18.29 -25.23
N VAL A 568 10.98 18.38 -24.21
CA VAL A 568 9.55 18.44 -24.51
C VAL A 568 8.74 19.51 -23.86
N CYS A 569 9.19 20.05 -22.73
CA CYS A 569 8.55 21.18 -22.13
C CYS A 569 9.45 21.78 -21.06
N ARG A 570 8.98 22.86 -20.45
CA ARG A 570 9.65 23.50 -19.33
C ARG A 570 8.81 23.32 -18.07
N GLY A 571 9.47 23.50 -16.93
CA GLY A 571 8.74 23.48 -15.67
C GLY A 571 7.63 24.46 -15.54
N SER A 572 7.76 25.60 -16.20
CA SER A 572 6.73 26.63 -16.20
C SER A 572 5.46 26.25 -16.97
N ASP A 573 5.53 25.17 -17.75
CA ASP A 573 4.35 24.64 -18.42
C ASP A 573 3.48 23.76 -17.56
N ILE A 574 3.91 23.43 -16.35
N ILE A 574 3.91 23.44 -16.35
CA ILE A 574 3.23 22.43 -15.54
CA ILE A 574 3.24 22.44 -15.55
C ILE A 574 2.36 23.09 -14.48
C ILE A 574 2.37 23.07 -14.46
N ARG A 575 1.20 22.50 -14.22
CA ARG A 575 0.32 22.91 -13.12
C ARG A 575 -0.18 21.65 -12.45
N THR A 576 -0.61 21.76 -11.20
N THR A 576 -0.68 21.79 -11.22
CA THR A 576 -1.23 20.60 -10.51
CA THR A 576 -1.21 20.65 -10.49
C THR A 576 -2.75 20.67 -10.45
C THR A 576 -2.74 20.67 -10.37
N VAL A 577 -3.35 19.52 -10.64
CA VAL A 577 -4.80 19.32 -10.42
C VAL A 577 -4.95 18.43 -9.20
N GLU A 578 -5.77 18.86 -8.26
CA GLU A 578 -6.00 18.16 -7.00
C GLU A 578 -4.74 17.86 -6.22
N ALA A 579 -3.73 18.74 -6.36
CA ALA A 579 -2.44 18.57 -5.73
C ALA A 579 -1.72 17.23 -6.09
N MET A 580 -2.09 16.64 -7.20
CA MET A 580 -1.58 15.36 -7.61
C MET A 580 -1.21 15.26 -9.09
N HIS A 581 -2.11 15.69 -9.96
CA HIS A 581 -1.98 15.38 -11.36
C HIS A 581 -1.31 16.55 -12.04
N HIS A 582 -0.15 16.28 -12.66
CA HIS A 582 0.70 17.31 -13.23
C HIS A 582 0.40 17.47 -14.68
N VAL A 583 -0.33 18.51 -15.02
CA VAL A 583 -0.77 18.75 -16.38
C VAL A 583 0.14 19.78 -17.06
N ASN A 584 0.29 19.65 -18.35
CA ASN A 584 0.99 20.66 -19.17
C ASN A 584 -0.05 21.50 -19.83
N ILE A 585 -0.01 22.80 -19.55
N ILE A 585 -0.03 22.80 -19.54
CA ILE A 585 -1.03 23.74 -20.00
CA ILE A 585 -1.04 23.74 -20.03
C ILE A 585 -0.66 24.50 -21.29
C ILE A 585 -0.60 24.58 -21.23
N ASN A 586 0.53 24.21 -21.85
CA ASN A 586 1.03 24.94 -23.00
C ASN A 586 0.25 24.51 -24.25
N PRO A 587 -0.32 25.48 -24.99
CA PRO A 587 -1.13 25.14 -26.14
C PRO A 587 -0.41 24.46 -27.28
N ASN A 588 0.93 24.52 -27.32
CA ASN A 588 1.73 23.89 -28.34
C ASN A 588 2.38 22.59 -27.93
N PHE A 589 2.16 22.15 -26.67
CA PHE A 589 2.65 20.83 -26.25
C PHE A 589 2.08 19.68 -27.12
N ARG A 590 0.89 19.88 -27.68
CA ARG A 590 0.30 18.90 -28.56
C ARG A 590 1.15 18.47 -29.76
N PHE A 591 2.12 19.30 -30.13
CA PHE A 591 3.05 18.94 -31.20
C PHE A 591 4.17 18.02 -30.78
N TYR A 592 4.24 17.74 -29.47
CA TYR A 592 5.32 16.92 -28.91
C TYR A 592 4.86 15.53 -28.44
N TYR A 593 3.54 15.35 -28.25
CA TYR A 593 3.01 14.06 -27.86
C TYR A 593 1.98 13.60 -28.87
N THR A 594 1.76 12.29 -28.89
CA THR A 594 0.80 11.66 -29.75
C THR A 594 -0.19 10.87 -28.87
N VAL A 595 -1.46 10.93 -29.26
CA VAL A 595 -2.48 10.16 -28.61
C VAL A 595 -2.38 8.75 -29.15
N SER A 596 -2.24 7.78 -28.25
CA SER A 596 -1.76 6.43 -28.60
C SER A 596 -2.69 5.32 -28.28
N SER A 597 -3.88 5.67 -27.81
CA SER A 597 -4.89 4.65 -27.53
C SER A 597 -6.22 5.29 -27.75
N GLY A 598 -7.25 4.46 -27.73
CA GLY A 598 -8.60 4.93 -27.41
C GLY A 598 -8.71 5.26 -25.91
N LYS A 599 -9.93 5.56 -25.50
CA LYS A 599 -10.21 6.15 -24.20
C LYS A 599 -10.00 5.12 -23.08
N ILE A 600 -9.32 5.56 -22.02
CA ILE A 600 -9.07 4.76 -20.83
C ILE A 600 -10.33 4.77 -19.99
N HIS A 601 -10.64 3.65 -19.34
CA HIS A 601 -11.76 3.58 -18.40
C HIS A 601 -11.25 3.11 -17.05
N PHE A 602 -11.66 3.80 -15.99
CA PHE A 602 -11.46 3.32 -14.64
C PHE A 602 -12.76 2.84 -14.08
N GLU A 603 -12.64 2.06 -13.00
CA GLU A 603 -13.81 1.63 -12.25
C GLU A 603 -14.35 2.83 -11.46
N ARG A 604 -13.45 3.54 -10.79
N ARG A 604 -13.45 3.53 -10.77
CA ARG A 604 -13.82 4.65 -9.93
CA ARG A 604 -13.80 4.68 -9.94
C ARG A 604 -14.02 5.90 -10.81
C ARG A 604 -14.04 5.89 -10.83
N THR A 605 -15.14 6.61 -10.59
CA THR A 605 -15.43 7.89 -11.26
C THR A 605 -15.09 9.05 -10.32
N PHE A 606 -14.58 10.15 -10.89
CA PHE A 606 -14.15 11.33 -10.11
C PHE A 606 -15.06 12.51 -10.28
N ARG A 607 -15.01 13.44 -9.33
CA ARG A 607 -15.93 14.59 -9.32
C ARG A 607 -15.78 15.49 -10.54
N ASP A 608 -14.57 15.92 -10.87
CA ASP A 608 -14.42 16.93 -11.90
C ASP A 608 -13.76 16.47 -13.21
N TRP A 609 -13.39 15.21 -13.32
CA TRP A 609 -12.65 14.77 -14.49
C TRP A 609 -12.78 13.29 -14.69
N GLU A 610 -12.50 12.87 -15.93
CA GLU A 610 -12.34 11.46 -16.27
C GLU A 610 -11.16 11.31 -17.23
N PRO A 611 -10.58 10.09 -17.32
CA PRO A 611 -9.47 9.92 -18.24
C PRO A 611 -9.88 9.93 -19.71
N GLY A 612 -8.96 10.41 -20.53
CA GLY A 612 -9.06 10.31 -21.97
C GLY A 612 -8.16 9.19 -22.44
N CYS A 613 -7.30 9.47 -23.39
CA CYS A 613 -6.44 8.45 -23.96
C CYS A 613 -5.02 8.57 -23.44
N ARG A 614 -4.27 7.49 -23.63
CA ARG A 614 -2.85 7.47 -23.33
C ARG A 614 -2.10 8.38 -24.28
N ILE A 615 -1.02 8.96 -23.79
CA ILE A 615 -0.15 9.80 -24.61
C ILE A 615 1.29 9.31 -24.57
N VAL A 616 1.97 9.49 -25.68
CA VAL A 616 3.32 9.03 -25.91
C VAL A 616 4.15 10.12 -26.62
N CYS A 617 5.46 10.02 -26.47
CA CYS A 617 6.40 10.87 -27.16
C CYS A 617 6.17 10.75 -28.68
N SER A 618 5.99 11.87 -29.35
CA SER A 618 5.82 11.85 -30.81
C SER A 618 7.05 11.36 -31.55
N GLU A 619 8.23 11.54 -30.97
N GLU A 619 8.23 11.57 -30.99
CA GLU A 619 9.49 11.12 -31.60
CA GLU A 619 9.48 11.09 -31.59
C GLU A 619 9.81 9.63 -31.47
C GLU A 619 9.63 9.58 -31.51
N CYS A 620 9.53 9.04 -30.31
CA CYS A 620 9.92 7.64 -30.03
C CYS A 620 8.85 6.68 -29.48
N ARG A 621 7.64 7.19 -29.20
CA ARG A 621 6.51 6.43 -28.69
C ARG A 621 6.63 5.96 -27.24
N GLN A 622 7.59 6.51 -26.49
CA GLN A 622 7.68 6.26 -25.07
C GLN A 622 6.42 6.78 -24.39
N GLU A 623 5.86 5.95 -23.51
CA GLU A 623 4.71 6.37 -22.72
C GLU A 623 5.10 7.59 -21.86
N TRP A 624 4.21 8.57 -21.84
CA TRP A 624 4.38 9.78 -21.04
C TRP A 624 3.36 9.99 -19.97
N GLY A 625 2.11 9.60 -20.22
CA GLY A 625 1.02 9.88 -19.33
C GLY A 625 -0.28 9.63 -20.02
N MET A 626 -1.28 10.42 -19.67
CA MET A 626 -2.65 10.20 -20.15
C MET A 626 -3.37 11.55 -20.15
N GLU A 627 -4.35 11.67 -21.04
CA GLU A 627 -5.23 12.80 -21.01
C GLU A 627 -6.17 12.78 -19.80
N MET A 628 -6.41 13.97 -19.29
CA MET A 628 -7.46 14.27 -18.33
C MET A 628 -8.53 15.09 -19.06
N ILE A 629 -9.77 14.63 -19.04
CA ILE A 629 -10.87 15.43 -19.51
C ILE A 629 -11.47 16.10 -18.29
N TYR A 630 -11.08 17.35 -18.07
CA TYR A 630 -11.42 18.08 -16.88
C TYR A 630 -12.50 19.03 -17.26
N ARG A 631 -13.70 18.75 -16.79
CA ARG A 631 -14.84 19.53 -17.23
C ARG A 631 -14.87 19.66 -18.78
N ASN A 632 -14.77 20.88 -19.32
CA ASN A 632 -14.91 21.07 -20.75
C ASN A 632 -13.57 21.21 -21.49
N VAL A 633 -12.45 20.82 -20.84
CA VAL A 633 -11.12 20.85 -21.52
C VAL A 633 -10.43 19.52 -21.37
N THR A 634 -9.47 19.26 -22.26
CA THR A 634 -8.67 18.07 -22.21
C THR A 634 -7.23 18.51 -22.05
N LEU A 635 -6.56 17.93 -21.07
CA LEU A 635 -5.20 18.30 -20.69
C LEU A 635 -4.34 17.05 -20.51
N PRO A 636 -3.09 17.11 -20.94
CA PRO A 636 -2.20 15.98 -20.75
C PRO A 636 -1.58 15.93 -19.36
N ILE A 637 -1.70 14.79 -18.70
N ILE A 637 -1.74 14.79 -18.69
CA ILE A 637 -1.06 14.55 -17.41
CA ILE A 637 -1.07 14.51 -17.41
C ILE A 637 0.23 13.80 -17.63
C ILE A 637 0.25 13.83 -17.69
N LEU A 638 1.31 14.30 -17.03
CA LEU A 638 2.66 13.71 -17.15
C LEU A 638 3.00 12.91 -15.92
N SER A 639 3.54 11.72 -16.15
N SER A 639 3.44 11.66 -16.09
CA SER A 639 4.05 10.82 -15.14
CA SER A 639 3.99 10.92 -14.97
C SER A 639 5.55 11.09 -14.98
C SER A 639 5.49 11.12 -14.95
N ILE A 640 5.98 11.46 -13.78
CA ILE A 640 7.38 11.90 -13.58
C ILE A 640 8.43 10.87 -14.02
N LYS A 641 8.11 9.59 -13.87
CA LYS A 641 9.08 8.54 -14.17
C LYS A 641 9.42 8.42 -15.65
N ASN A 642 8.67 9.13 -16.51
CA ASN A 642 8.93 9.05 -17.96
C ASN A 642 9.83 10.16 -18.49
N PHE A 643 10.45 10.92 -17.61
CA PHE A 643 11.28 12.06 -17.98
C PHE A 643 12.60 12.07 -17.23
N VAL A 644 13.56 12.78 -17.81
CA VAL A 644 14.75 13.26 -17.11
C VAL A 644 14.56 14.77 -16.99
N VAL A 645 14.69 15.27 -15.77
CA VAL A 645 14.52 16.68 -15.43
C VAL A 645 15.86 17.35 -15.46
N VAL A 646 15.99 18.38 -16.28
CA VAL A 646 17.25 19.08 -16.47
C VAL A 646 17.17 20.48 -15.90
N THR A 647 18.03 20.78 -14.96
CA THR A 647 18.11 22.14 -14.43
C THR A 647 19.51 22.68 -14.73
N PRO A 648 19.78 23.95 -14.39
CA PRO A 648 21.14 24.44 -14.65
C PRO A 648 22.22 23.66 -13.90
N ASP A 649 21.86 23.01 -12.80
CA ASP A 649 22.85 22.32 -11.97
C ASP A 649 23.02 20.83 -12.27
N GLU A 650 21.99 20.16 -12.79
CA GLU A 650 22.09 18.72 -13.01
C GLU A 650 20.94 18.14 -13.85
N LYS A 651 21.10 16.88 -14.24
CA LYS A 651 20.09 16.09 -14.92
C LYS A 651 19.73 14.95 -14.00
N LYS A 652 18.44 14.80 -13.68
CA LYS A 652 18.03 13.82 -12.71
C LYS A 652 16.73 13.15 -13.10
N LYS A 653 16.69 11.85 -12.90
CA LYS A 653 15.53 11.05 -12.96
C LYS A 653 14.88 11.05 -11.58
N TYR A 654 13.65 11.49 -11.50
CA TYR A 654 12.86 11.51 -10.25
C TYR A 654 11.80 10.40 -10.24
N LYS A 655 11.52 9.86 -9.06
CA LYS A 655 10.43 8.92 -8.88
C LYS A 655 9.16 9.58 -8.37
N LYS A 656 9.30 10.81 -7.84
CA LYS A 656 8.19 11.52 -7.24
C LYS A 656 8.26 12.98 -7.60
N TRP A 657 7.14 13.54 -8.00
CA TRP A 657 7.02 14.99 -8.27
C TRP A 657 7.27 15.83 -7.00
N SER A 658 6.87 15.30 -5.84
CA SER A 658 7.03 16.02 -4.57
C SER A 658 8.47 16.39 -4.19
N THR A 659 9.50 15.84 -4.85
CA THR A 659 10.90 16.26 -4.54
C THR A 659 11.63 17.09 -5.65
N VAL A 660 10.95 17.51 -6.70
CA VAL A 660 11.58 18.34 -7.70
C VAL A 660 11.98 19.68 -7.09
N THR A 661 12.92 20.34 -7.75
CA THR A 661 13.60 21.51 -7.20
C THR A 661 13.11 22.83 -7.84
N PHE A 662 11.85 22.85 -8.28
CA PHE A 662 11.23 24.08 -8.74
C PHE A 662 9.77 24.06 -8.30
N PRO A 663 9.15 25.25 -8.17
CA PRO A 663 7.75 25.31 -7.71
C PRO A 663 6.79 25.09 -8.85
N ILE A 664 5.66 24.47 -8.52
CA ILE A 664 4.58 24.21 -9.45
C ILE A 664 3.29 24.78 -8.86
N GLU A 665 2.65 25.66 -9.62
CA GLU A 665 1.40 26.27 -9.22
C GLU A 665 0.23 25.33 -9.43
N GLU A 666 -0.81 25.52 -8.65
CA GLU A 666 -2.11 24.89 -8.84
C GLU A 666 -2.74 25.34 -10.15
N PHE A 667 -3.34 24.39 -10.83
CA PHE A 667 -4.16 24.68 -12.02
C PHE A 667 -5.35 25.53 -11.65
N SER A 668 -5.64 26.53 -12.48
CA SER A 668 -6.86 27.32 -12.33
C SER A 668 -7.69 27.15 -13.60
N TYR A 669 -8.81 26.42 -13.47
CA TYR A 669 -9.68 26.17 -14.61
C TYR A 669 -10.18 27.48 -15.22
N LEU A 670 -10.58 28.42 -14.37
CA LEU A 670 -11.06 29.74 -14.85
C LEU A 670 -9.99 30.45 -15.67
N GLU A 671 -8.79 30.53 -15.11
CA GLU A 671 -7.68 31.22 -15.78
C GLU A 671 -7.30 30.49 -17.07
N TYR A 672 -7.31 29.16 -17.03
CA TYR A 672 -6.97 28.38 -18.23
C TYR A 672 -7.96 28.64 -19.35
N CYS A 673 -9.25 28.61 -19.02
CA CYS A 673 -10.29 28.81 -20.04
C CYS A 673 -10.19 30.22 -20.60
N SER A 674 -9.94 31.22 -19.73
CA SER A 674 -9.77 32.62 -20.19
C SER A 674 -8.63 32.79 -21.17
N SER A 675 -7.49 32.19 -20.85
CA SER A 675 -6.31 32.35 -21.71
C SER A 675 -6.50 31.64 -23.05
N THR A 676 -7.20 30.51 -23.07
CA THR A 676 -7.46 29.76 -24.32
C THR A 676 -8.49 30.49 -25.21
N GLN A 677 -9.49 31.13 -24.59
CA GLN A 677 -10.45 31.97 -25.34
C GLN A 677 -9.73 33.13 -26.08
N ASP A 678 -8.58 33.56 -25.57
CA ASP A 678 -7.64 34.45 -26.31
C ASP A 678 -6.64 33.67 -27.19
ZN ZN D . 10.97 10.12 -26.85
PB ADP E . -10.79 -7.16 16.64
O1B ADP E . -10.61 -6.97 18.13
O2B ADP E . -9.58 -7.86 16.00
O3B ADP E . -11.25 -5.94 15.91
PA ADP E . -13.44 -7.93 15.89
O1A ADP E . -13.98 -6.62 16.36
O2A ADP E . -13.35 -8.12 14.38
O3A ADP E . -12.00 -8.22 16.55
O5' ADP E . -14.34 -9.06 16.57
C5' ADP E . -14.12 -10.46 16.39
C4' ADP E . -15.46 -11.17 16.43
O4' ADP E . -16.00 -11.12 17.79
C3' ADP E . -16.57 -10.54 15.57
O3' ADP E . -17.19 -11.56 14.77
C2' ADP E . -17.51 -9.89 16.52
O2' ADP E . -18.85 -9.78 16.10
C1' ADP E . -17.39 -10.81 17.71
N9 ADP E . -17.72 -10.26 19.03
C8 ADP E . -17.22 -9.10 19.53
N7 ADP E . -17.63 -8.96 20.78
C5 ADP E . -18.42 -10.03 21.10
C6 ADP E . -19.22 -10.47 22.27
N6 ADP E . -19.18 -9.68 23.36
N1 ADP E . -19.91 -11.63 22.19
C2 ADP E . -19.89 -12.39 21.03
N3 ADP E . -19.21 -12.03 19.92
C4 ADP E . -18.47 -10.90 19.95
AL ALF F . -8.26 -7.21 14.72
F1 ALF F . -8.73 -5.47 14.91
F2 ALF F . -7.83 -8.91 14.50
F3 ALF F . -7.07 -7.00 16.00
F4 ALF F . -9.48 -7.36 13.47
MG MG G . -10.52 -5.12 14.19
C1 EDO H . -16.34 -7.06 13.52
O1 EDO H . -15.62 -8.09 12.96
C2 EDO H . -15.79 -5.77 12.99
O2 EDO H . -16.04 -5.50 11.61
C1 EDO I . 3.13 13.27 10.38
O1 EDO I . 4.54 13.32 10.67
C2 EDO I . 2.70 14.40 9.51
O2 EDO I . 3.61 14.73 8.50
C1 EDO J . -0.27 4.55 29.88
O1 EDO J . -1.35 3.69 30.21
C2 EDO J . 0.08 5.44 31.05
O2 EDO J . 0.67 4.69 32.12
F1 MGF K . 0.36 0.86 2.78
MG MGF K . 0.75 -0.96 2.91
F2 MGF K . 1.01 -1.72 1.42
F3 MGF K . -0.39 -2.15 3.78
#